data_4MDZ
#
_entry.id   4MDZ
#
_cell.length_a   70.190
_cell.length_b   183.010
_cell.length_c   233.460
_cell.angle_alpha   90.00
_cell.angle_beta   90.00
_cell.angle_gamma   90.00
#
_symmetry.space_group_name_H-M   'I 2 2 2'
#
loop_
_entity.id
_entity.type
_entity.pdbx_description
1 polymer 'Metal dependent phosphohydrolase'
2 non-polymer 'FE (III) ION'
3 non-polymer 'SUCCINIC ACID'
4 non-polymer "9,9'-[(2R,3R,3aS,5S,7aR,9R,10R,10aS,12S,14aR)-3,5,10,12-tetrahydroxy-5,12-dioxidooctahydro-2H,7H-difuro[3,2-d:3',2'-j][1,3,7,9,2,8]tetraoxadiphosphacyclododecine-2,9-diyl]bis(2-amino-1,9-dihydro-6H-purin-6-one)"
5 water water
#
_entity_poly.entity_id   1
_entity_poly.type   'polypeptide(L)'
_entity_poly.pdbx_seq_one_letter_code
;GPGYQDPERKLKILLDYSSKIANEKDLRNVLLFLTDLAKEIMEADRASIFLYDDQKKTLWTIVAHGVDRIEIDADKGIAG
YVFRTGEILNIPDAYKDPRFDRDIDKRTGYRTRTILAVPLFDRKQNIIGVFQVINKLTNSVFTEEDIELLRHISLYASST
IENAILYEKLKKAHEDVIYRLSHATKFKDPETQNHIIRVGLYAEILAREAGLDEEDVELVKLAAPMHDIGKVGIPDRVLL
KPGKLNDEEWEIMKKHTIYGYEILKGGDSRLLQIAADIAIEHHERWDGTGYPFGKKGEEISIYGRMTSISDVFDALTSDR
PYKKAWDMDRTVRFFKEQKGKHFDPFLTDIFLKNIDQMFSIKRELRDED
;
_entity_poly.pdbx_strand_id   A,B
#
loop_
_chem_comp.id
_chem_comp.type
_chem_comp.name
_chem_comp.formula
C2E non-polymer 9,9'-[(2R,3R,3aS,5S,7aR,9R,10R,10aS,12S,14aR)-3,5,10,12-tetrahydroxy-5,12-dioxidooctahydro-2H,7H-difuro[3,2-d:3',2'-j][1,3,7,9,2,8]tetraoxadiphosphacyclododecine-2,9-diyl]bis(2-amino-1,9-dihydro-6H-purin-6-one) 'C20 H24 N10 O14 P2'
FE non-polymer 'FE (III) ION' 'Fe 3'
SIN non-polymer 'SUCCINIC ACID' 'C4 H6 O4'
#
# COMPACT_ATOMS: atom_id res chain seq x y z
N ASP A 6 -27.12 -0.17 -27.54
CA ASP A 6 -28.40 0.38 -26.98
C ASP A 6 -29.09 -0.71 -26.17
N PRO A 7 -29.45 -0.45 -24.89
CA PRO A 7 -29.01 0.58 -23.94
C PRO A 7 -27.71 0.10 -23.31
N GLU A 8 -27.19 -1.01 -23.85
CA GLU A 8 -25.87 -1.51 -23.55
C GLU A 8 -24.83 -0.43 -23.76
N ARG A 9 -25.23 0.72 -24.32
CA ARG A 9 -24.31 1.83 -24.49
C ARG A 9 -23.80 2.32 -23.14
N LYS A 10 -24.71 2.63 -22.21
CA LYS A 10 -24.29 3.11 -20.90
C LYS A 10 -23.50 2.08 -20.05
N LEU A 11 -23.75 0.79 -20.23
CA LEU A 11 -22.95 -0.20 -19.53
C LEU A 11 -21.55 -0.18 -20.05
N LYS A 12 -21.39 0.01 -21.35
CA LYS A 12 -20.08 -0.09 -21.95
C LYS A 12 -19.26 1.13 -21.53
N ILE A 13 -19.93 2.27 -21.47
CA ILE A 13 -19.35 3.48 -20.90
C ILE A 13 -18.95 3.27 -19.46
N LEU A 14 -19.84 2.68 -18.65
CA LEU A 14 -19.50 2.57 -17.26
C LEU A 14 -18.35 1.60 -17.10
N LEU A 15 -18.32 0.49 -17.85
CA LEU A 15 -17.18 -0.40 -17.70
C LEU A 15 -15.91 0.32 -18.05
N ASP A 16 -15.90 1.05 -19.15
CA ASP A 16 -14.78 1.90 -19.51
C ASP A 16 -14.29 2.82 -18.39
N TYR A 17 -15.18 3.61 -17.78
CA TYR A 17 -14.76 4.47 -16.67
C TYR A 17 -14.28 3.67 -15.46
N SER A 18 -15.04 2.64 -15.11
CA SER A 18 -14.65 1.82 -13.98
C SER A 18 -13.30 1.12 -14.22
N SER A 19 -12.92 0.85 -15.46
CA SER A 19 -11.57 0.28 -15.70
C SER A 19 -10.48 1.29 -15.42
N LYS A 20 -10.76 2.54 -15.79
CA LYS A 20 -9.80 3.59 -15.61
C LYS A 20 -9.67 3.81 -14.13
N ILE A 21 -10.78 3.85 -13.41
CA ILE A 21 -10.73 4.10 -11.96
C ILE A 21 -10.03 3.01 -11.14
N ALA A 22 -10.32 1.74 -11.37
CA ALA A 22 -9.57 0.68 -10.70
C ALA A 22 -8.05 0.80 -10.82
N ASN A 23 -7.54 1.55 -11.79
CA ASN A 23 -6.09 1.67 -11.98
C ASN A 23 -5.52 2.91 -11.37
N GLU A 24 -6.33 3.96 -11.41
CA GLU A 24 -5.91 5.24 -10.99
C GLU A 24 -5.60 5.24 -9.49
N LYS A 25 -4.37 5.60 -9.16
CA LYS A 25 -3.91 5.67 -7.79
C LYS A 25 -3.90 7.10 -7.22
N ASP A 26 -4.05 8.10 -8.08
CA ASP A 26 -4.17 9.48 -7.64
C ASP A 26 -5.65 9.88 -7.38
N LEU A 27 -5.95 10.25 -6.14
CA LEU A 27 -7.30 10.70 -5.77
C LEU A 27 -7.94 11.67 -6.74
N ARG A 28 -7.22 12.72 -7.10
CA ARG A 28 -7.73 13.78 -7.97
C ARG A 28 -8.17 13.25 -9.32
N ASN A 29 -7.42 12.29 -9.85
CA ASN A 29 -7.83 11.64 -11.07
C ASN A 29 -9.11 10.81 -10.94
N VAL A 30 -9.20 10.05 -9.86
CA VAL A 30 -10.41 9.33 -9.48
C VAL A 30 -11.62 10.28 -9.41
N LEU A 31 -11.51 11.39 -8.67
CA LEU A 31 -12.60 12.34 -8.69
C LEU A 31 -12.94 12.85 -10.12
N LEU A 32 -11.92 13.03 -10.98
CA LEU A 32 -12.20 13.48 -12.36
C LEU A 32 -13.00 12.45 -13.12
N PHE A 33 -12.48 11.23 -13.20
CA PHE A 33 -13.17 10.15 -13.82
C PHE A 33 -14.58 9.99 -13.28
N LEU A 34 -14.77 10.05 -11.96
CA LEU A 34 -16.11 9.91 -11.43
C LEU A 34 -17.02 10.98 -11.93
N THR A 35 -16.52 12.19 -12.06
CA THR A 35 -17.46 13.23 -12.42
C THR A 35 -17.78 13.18 -13.92
N ASP A 36 -16.81 12.79 -14.73
CA ASP A 36 -17.10 12.49 -16.12
C ASP A 36 -18.08 11.31 -16.33
N LEU A 37 -17.99 10.30 -15.49
CA LEU A 37 -18.96 9.22 -15.54
C LEU A 37 -20.33 9.76 -15.20
N ALA A 38 -20.47 10.45 -14.08
CA ALA A 38 -21.74 11.07 -13.75
C ALA A 38 -22.29 11.83 -14.92
N LYS A 39 -21.49 12.66 -15.59
CA LYS A 39 -21.99 13.42 -16.74
C LYS A 39 -22.54 12.55 -17.87
N GLU A 40 -21.81 11.52 -18.31
CA GLU A 40 -22.29 10.63 -19.37
C GLU A 40 -23.46 9.76 -18.95
N ILE A 41 -23.46 9.25 -17.72
CA ILE A 41 -24.48 8.31 -17.23
C ILE A 41 -25.80 9.00 -16.92
N MET A 42 -25.72 10.22 -16.40
CA MET A 42 -26.88 10.97 -16.02
C MET A 42 -27.36 11.88 -17.16
N GLU A 43 -26.65 11.85 -18.30
CA GLU A 43 -26.89 12.80 -19.39
C GLU A 43 -27.05 14.25 -18.85
N ALA A 44 -26.00 14.72 -18.16
CA ALA A 44 -25.99 16.04 -17.62
C ALA A 44 -24.73 16.82 -17.99
N ASP A 45 -24.77 18.14 -17.86
CA ASP A 45 -23.69 18.95 -18.43
C ASP A 45 -22.44 19.13 -17.57
N ARG A 46 -22.64 19.29 -16.27
CA ARG A 46 -21.54 19.40 -15.33
C ARG A 46 -21.81 18.43 -14.18
N ALA A 47 -20.79 18.19 -13.36
CA ALA A 47 -20.86 17.36 -12.13
C ALA A 47 -19.68 17.73 -11.23
N SER A 48 -19.91 17.83 -9.93
CA SER A 48 -18.83 18.09 -8.99
C SER A 48 -18.87 17.09 -7.90
N ILE A 49 -17.71 16.73 -7.37
CA ILE A 49 -17.72 16.02 -6.10
C ILE A 49 -17.15 16.90 -5.02
N PHE A 50 -17.77 16.92 -3.84
CA PHE A 50 -17.21 17.68 -2.70
C PHE A 50 -16.81 16.79 -1.53
N LEU A 51 -15.60 16.95 -1.02
CA LEU A 51 -15.16 16.18 0.14
C LEU A 51 -14.94 17.09 1.33
N TYR A 52 -14.96 16.52 2.52
CA TYR A 52 -14.79 17.28 3.73
C TYR A 52 -13.38 17.19 4.26
N ASP A 53 -12.85 18.34 4.70
CA ASP A 53 -11.56 18.41 5.38
C ASP A 53 -11.79 18.58 6.87
N ASP A 54 -11.52 17.53 7.64
CA ASP A 54 -11.60 17.55 9.12
C ASP A 54 -10.79 18.68 9.72
N GLN A 55 -9.66 18.97 9.04
CA GLN A 55 -8.66 19.96 9.44
C GLN A 55 -9.08 21.42 9.18
N LYS A 56 -9.30 21.81 7.94
CA LYS A 56 -9.72 23.19 7.64
C LYS A 56 -11.19 23.43 7.92
N LYS A 57 -11.93 22.35 8.18
CA LYS A 57 -13.36 22.40 8.48
C LYS A 57 -14.18 22.99 7.33
N THR A 58 -13.79 22.63 6.11
CA THR A 58 -14.55 22.97 4.90
C THR A 58 -14.57 21.80 3.92
N LEU A 59 -15.50 21.91 2.97
CA LEU A 59 -15.57 21.04 1.83
C LEU A 59 -14.60 21.56 0.81
N TRP A 60 -14.26 20.72 -0.15
CA TRP A 60 -13.42 21.15 -1.23
C TRP A 60 -13.73 20.37 -2.45
N THR A 61 -13.26 20.86 -3.58
CA THR A 61 -13.50 20.19 -4.84
C THR A 61 -12.35 20.54 -5.77
N ILE A 62 -12.11 19.71 -6.76
CA ILE A 62 -11.12 20.06 -7.78
C ILE A 62 -11.84 20.39 -9.09
N VAL A 63 -11.37 21.36 -9.86
CA VAL A 63 -11.87 21.49 -11.24
C VAL A 63 -10.87 20.84 -12.20
N ALA A 64 -11.30 20.62 -13.43
CA ALA A 64 -10.53 19.88 -14.44
C ALA A 64 -9.20 20.54 -14.79
N HIS A 65 -8.19 19.69 -15.04
CA HIS A 65 -6.79 20.12 -15.16
C HIS A 65 -6.04 19.88 -13.86
N GLY A 66 -6.70 19.32 -12.83
CA GLY A 66 -6.11 19.12 -11.47
C GLY A 66 -5.32 20.30 -10.84
N VAL A 67 -5.75 21.54 -11.13
CA VAL A 67 -5.23 22.76 -10.48
C VAL A 67 -5.53 22.66 -8.97
N ASP A 68 -4.93 23.54 -8.15
CA ASP A 68 -5.17 23.56 -6.69
C ASP A 68 -6.64 23.44 -6.24
N ARG A 69 -6.91 22.60 -5.25
CA ARG A 69 -8.29 22.37 -4.81
C ARG A 69 -8.97 23.57 -4.21
N ILE A 70 -10.27 23.71 -4.47
CA ILE A 70 -11.06 24.89 -4.09
C ILE A 70 -11.83 24.71 -2.78
N GLU A 71 -11.61 25.60 -1.82
CA GLU A 71 -12.36 25.60 -0.56
C GLU A 71 -13.78 26.00 -0.88
N ILE A 72 -14.75 25.31 -0.30
CA ILE A 72 -16.17 25.70 -0.40
C ILE A 72 -16.71 25.78 1.01
N ASP A 73 -17.47 26.82 1.29
CA ASP A 73 -18.03 27.00 2.62
C ASP A 73 -19.01 25.87 3.00
N ALA A 74 -18.62 25.10 4.01
CA ALA A 74 -19.31 23.90 4.46
C ALA A 74 -20.71 24.11 5.04
N ASP A 75 -21.02 25.33 5.47
CA ASP A 75 -22.28 25.58 6.18
C ASP A 75 -23.42 26.06 5.28
N LYS A 76 -23.14 27.13 4.54
CA LYS A 76 -24.08 27.68 3.56
C LYS A 76 -23.86 27.09 2.15
N GLY A 77 -24.66 27.54 1.19
CA GLY A 77 -24.55 27.05 -0.18
C GLY A 77 -25.36 25.77 -0.35
N ILE A 78 -25.34 25.24 -1.55
CA ILE A 78 -26.06 23.99 -1.84
C ILE A 78 -25.34 22.74 -1.37
N ALA A 79 -24.05 22.61 -1.67
CA ALA A 79 -23.32 21.45 -1.16
C ALA A 79 -23.33 21.48 0.37
N GLY A 80 -23.21 22.67 0.93
CA GLY A 80 -23.31 22.87 2.37
C GLY A 80 -24.60 22.36 2.99
N TYR A 81 -25.70 22.55 2.30
CA TYR A 81 -26.97 22.07 2.83
C TYR A 81 -26.98 20.53 2.89
N VAL A 82 -26.67 19.89 1.76
CA VAL A 82 -26.66 18.44 1.65
C VAL A 82 -25.64 17.87 2.64
N PHE A 83 -24.52 18.55 2.81
CA PHE A 83 -23.50 18.06 3.71
C PHE A 83 -23.92 18.06 5.15
N ARG A 84 -24.43 19.21 5.60
CA ARG A 84 -24.92 19.39 6.94
C ARG A 84 -26.16 18.56 7.23
N THR A 85 -27.14 18.49 6.31
CA THR A 85 -28.43 17.87 6.64
C THR A 85 -28.53 16.44 6.19
N GLY A 86 -27.80 16.05 5.16
CA GLY A 86 -27.91 14.70 4.62
C GLY A 86 -29.09 14.48 3.69
N GLU A 87 -29.98 15.46 3.60
CA GLU A 87 -31.10 15.34 2.67
C GLU A 87 -30.66 15.57 1.23
N ILE A 88 -31.47 15.11 0.28
CA ILE A 88 -31.21 15.32 -1.13
C ILE A 88 -31.78 16.65 -1.60
N LEU A 89 -31.06 17.38 -2.43
CA LEU A 89 -31.62 18.61 -2.96
C LEU A 89 -31.86 18.51 -4.48
N ASN A 90 -33.12 18.66 -4.89
CA ASN A 90 -33.44 18.78 -6.31
C ASN A 90 -33.97 20.17 -6.63
N ILE A 91 -33.15 20.96 -7.31
CA ILE A 91 -33.59 22.26 -7.75
C ILE A 91 -34.03 22.21 -9.23
N PRO A 92 -35.26 22.66 -9.52
CA PRO A 92 -35.69 22.77 -10.93
C PRO A 92 -35.11 24.00 -11.64
N ASP A 93 -34.86 25.09 -10.89
CA ASP A 93 -34.27 26.33 -11.42
C ASP A 93 -33.41 27.10 -10.39
N ALA A 94 -32.11 26.85 -10.45
CA ALA A 94 -31.14 27.46 -9.55
C ALA A 94 -31.33 28.93 -9.30
N TYR A 95 -31.86 29.65 -10.27
CA TYR A 95 -31.93 31.13 -10.17
C TYR A 95 -33.19 31.59 -9.42
N LYS A 96 -34.02 30.62 -9.03
CA LYS A 96 -35.19 30.89 -8.22
C LYS A 96 -34.91 30.44 -6.80
N ASP A 97 -33.69 30.01 -6.55
CA ASP A 97 -33.37 29.50 -5.25
C ASP A 97 -32.48 30.41 -4.44
N PRO A 98 -32.89 30.66 -3.18
CA PRO A 98 -32.19 31.59 -2.33
C PRO A 98 -30.79 31.06 -1.95
N ARG A 99 -30.59 29.74 -1.98
CA ARG A 99 -29.37 29.08 -1.48
C ARG A 99 -28.29 28.97 -2.52
N PHE A 100 -28.62 29.35 -3.75
CA PHE A 100 -27.69 29.22 -4.86
C PHE A 100 -26.76 30.42 -4.92
N ASP A 101 -25.49 30.16 -5.21
CA ASP A 101 -24.55 31.26 -5.41
C ASP A 101 -24.18 31.39 -6.86
N ARG A 102 -24.63 32.50 -7.46
CA ARG A 102 -24.56 32.67 -8.90
C ARG A 102 -23.26 33.29 -9.44
N ASP A 103 -22.14 33.08 -8.75
CA ASP A 103 -20.89 33.71 -9.18
C ASP A 103 -20.06 32.83 -10.07
N ILE A 104 -20.20 31.52 -9.90
CA ILE A 104 -19.52 30.56 -10.77
C ILE A 104 -20.06 30.81 -12.17
N ASP A 105 -21.33 31.18 -12.24
CA ASP A 105 -21.95 31.53 -13.50
C ASP A 105 -21.38 32.85 -13.98
N LYS A 106 -21.27 33.80 -13.06
CA LYS A 106 -20.84 35.16 -13.39
C LYS A 106 -19.41 35.22 -13.97
N ARG A 107 -18.53 34.33 -13.53
CA ARG A 107 -17.15 34.30 -14.01
C ARG A 107 -16.93 33.42 -15.23
N THR A 108 -17.50 32.21 -15.21
CA THR A 108 -17.35 31.29 -16.34
C THR A 108 -18.21 31.69 -17.53
N GLY A 109 -19.36 32.33 -17.28
CA GLY A 109 -20.33 32.57 -18.37
C GLY A 109 -21.29 31.40 -18.55
N TYR A 110 -21.24 30.48 -17.58
CA TYR A 110 -22.17 29.37 -17.45
C TYR A 110 -23.54 29.85 -16.95
N ARG A 111 -24.60 29.09 -17.28
CA ARG A 111 -25.95 29.38 -16.76
C ARG A 111 -26.51 28.12 -16.12
N THR A 112 -26.46 28.06 -14.81
CA THR A 112 -26.89 26.89 -14.07
C THR A 112 -28.42 26.87 -13.99
N ARG A 113 -29.04 25.77 -14.42
CA ARG A 113 -30.50 25.65 -14.39
C ARG A 113 -30.93 24.61 -13.35
N THR A 114 -30.62 23.36 -13.64
CA THR A 114 -31.04 22.30 -12.80
C THR A 114 -29.83 21.91 -11.97
N ILE A 115 -30.06 21.62 -10.70
CA ILE A 115 -29.02 21.06 -9.83
C ILE A 115 -29.62 19.93 -8.98
N LEU A 116 -28.94 18.80 -8.93
CA LEU A 116 -29.34 17.77 -8.03
C LEU A 116 -28.10 17.40 -7.20
N ALA A 117 -28.23 17.41 -5.87
CA ALA A 117 -27.10 17.08 -5.00
C ALA A 117 -27.44 16.02 -3.92
N VAL A 118 -26.62 14.97 -3.85
CA VAL A 118 -26.83 13.94 -2.84
C VAL A 118 -25.65 13.76 -1.92
N PRO A 119 -25.88 13.24 -0.71
CA PRO A 119 -24.72 13.06 0.13
C PRO A 119 -23.93 11.79 -0.24
N LEU A 120 -22.67 11.79 0.17
CA LEU A 120 -21.81 10.64 0.08
C LEU A 120 -21.58 10.10 1.49
N PHE A 121 -21.55 8.77 1.63
CA PHE A 121 -21.43 8.15 2.95
C PHE A 121 -20.22 7.26 3.00
N ASP A 122 -19.58 7.20 4.16
CA ASP A 122 -18.56 6.18 4.41
C ASP A 122 -19.21 4.92 5.01
N ARG A 123 -18.47 3.81 5.09
CA ARG A 123 -19.08 2.58 5.63
C ARG A 123 -19.77 2.82 6.97
N LYS A 124 -19.08 3.39 7.97
CA LYS A 124 -19.75 3.73 9.27
C LYS A 124 -20.95 4.67 9.09
N GLN A 125 -21.18 5.14 7.86
CA GLN A 125 -22.41 5.88 7.52
C GLN A 125 -22.47 7.36 7.93
N ASN A 126 -21.30 7.95 8.17
CA ASN A 126 -21.13 9.39 8.25
C ASN A 126 -21.16 10.02 6.85
N ILE A 127 -21.69 11.25 6.79
CA ILE A 127 -21.67 12.04 5.58
C ILE A 127 -20.24 12.56 5.39
N ILE A 128 -19.63 12.21 4.28
CA ILE A 128 -18.25 12.61 4.05
C ILE A 128 -18.10 13.58 2.88
N GLY A 129 -19.21 13.97 2.28
CA GLY A 129 -19.18 14.83 1.12
C GLY A 129 -20.48 14.83 0.33
N VAL A 130 -20.45 15.49 -0.84
CA VAL A 130 -21.62 15.69 -1.67
C VAL A 130 -21.31 15.39 -3.14
N PHE A 131 -22.21 14.67 -3.78
CA PHE A 131 -22.18 14.51 -5.21
C PHE A 131 -23.25 15.40 -5.84
N GLN A 132 -22.85 16.17 -6.85
CA GLN A 132 -23.71 17.20 -7.41
C GLN A 132 -23.64 17.09 -8.89
N VAL A 133 -24.80 17.13 -9.51
CA VAL A 133 -24.94 17.02 -10.97
C VAL A 133 -25.72 18.26 -11.40
N ILE A 134 -25.26 18.90 -12.47
CA ILE A 134 -25.90 20.14 -12.92
C ILE A 134 -26.35 20.08 -14.38
N ASN A 135 -27.48 20.74 -14.64
CA ASN A 135 -28.00 21.00 -16.00
C ASN A 135 -28.25 19.74 -16.84
N LYS A 136 -29.34 19.05 -16.51
CA LYS A 136 -29.64 17.82 -17.23
C LYS A 136 -29.88 18.23 -18.67
N LEU A 137 -29.36 17.45 -19.61
CA LEU A 137 -29.44 17.78 -21.03
C LEU A 137 -30.82 17.75 -21.72
N THR A 138 -31.90 17.55 -20.97
CA THR A 138 -33.24 17.69 -21.49
C THR A 138 -33.66 19.15 -21.33
N ASN A 139 -32.92 19.90 -20.53
CA ASN A 139 -33.32 21.24 -20.10
C ASN A 139 -34.45 21.24 -19.14
N SER A 140 -34.88 20.06 -18.71
CA SER A 140 -35.97 19.97 -17.77
C SER A 140 -35.43 19.40 -16.49
N VAL A 141 -36.30 18.96 -15.60
CA VAL A 141 -35.91 18.66 -14.23
C VAL A 141 -35.22 17.31 -14.10
N PHE A 142 -34.55 17.11 -12.96
CA PHE A 142 -34.13 15.77 -12.53
C PHE A 142 -35.34 15.02 -12.00
N THR A 143 -35.50 13.78 -12.43
CA THR A 143 -36.72 13.05 -12.13
C THR A 143 -36.46 12.13 -10.92
N GLU A 144 -37.46 11.41 -10.41
CA GLU A 144 -37.21 10.46 -9.36
C GLU A 144 -36.34 9.33 -9.88
N GLU A 145 -36.49 8.95 -11.15
CA GLU A 145 -35.64 7.88 -11.66
C GLU A 145 -34.21 8.36 -11.76
N ASP A 146 -34.07 9.69 -11.92
CA ASP A 146 -32.75 10.31 -11.97
C ASP A 146 -32.08 10.27 -10.60
N ILE A 147 -32.78 10.77 -9.59
CA ILE A 147 -32.34 10.72 -8.22
C ILE A 147 -31.94 9.32 -7.90
N GLU A 148 -32.76 8.37 -8.29
CA GLU A 148 -32.47 6.98 -7.99
C GLU A 148 -31.16 6.52 -8.66
N LEU A 149 -30.91 6.91 -9.89
CA LEU A 149 -29.61 6.51 -10.51
C LEU A 149 -28.41 7.13 -9.79
N LEU A 150 -28.64 8.33 -9.27
CA LEU A 150 -27.59 9.05 -8.62
C LEU A 150 -27.27 8.43 -7.25
N ARG A 151 -28.27 7.91 -6.54
CA ARG A 151 -28.02 7.27 -5.25
C ARG A 151 -27.08 6.13 -5.52
N HIS A 152 -27.34 5.33 -6.56
CA HIS A 152 -26.38 4.29 -6.96
C HIS A 152 -25.04 4.76 -7.42
N ILE A 153 -24.96 5.88 -8.14
CA ILE A 153 -23.67 6.37 -8.59
C ILE A 153 -22.88 6.82 -7.37
N SER A 154 -23.53 7.57 -6.49
CA SER A 154 -22.94 8.05 -5.27
C SER A 154 -22.36 6.93 -4.41
N LEU A 155 -23.05 5.82 -4.38
CA LEU A 155 -22.52 4.62 -3.76
C LEU A 155 -21.25 4.10 -4.36
N TYR A 156 -21.10 4.19 -5.67
CA TYR A 156 -19.88 3.70 -6.28
C TYR A 156 -18.78 4.72 -6.00
N ALA A 157 -19.13 5.99 -5.89
CA ALA A 157 -18.13 6.98 -5.72
C ALA A 157 -17.54 6.85 -4.33
N SER A 158 -18.38 6.84 -3.29
CA SER A 158 -17.91 6.49 -1.94
C SER A 158 -16.93 5.32 -1.95
N SER A 159 -17.29 4.19 -2.56
CA SER A 159 -16.38 3.06 -2.57
C SER A 159 -15.05 3.33 -3.21
N THR A 160 -15.06 3.92 -4.41
CA THR A 160 -13.82 4.06 -5.12
C THR A 160 -12.96 5.10 -4.44
N ILE A 161 -13.61 6.12 -3.89
CA ILE A 161 -12.92 7.12 -3.13
C ILE A 161 -12.25 6.52 -1.89
N GLU A 162 -13.04 5.85 -1.06
CA GLU A 162 -12.57 5.35 0.22
C GLU A 162 -11.40 4.40 -0.09
N ASN A 163 -11.58 3.57 -1.11
CA ASN A 163 -10.54 2.69 -1.49
C ASN A 163 -9.29 3.52 -1.84
N ALA A 164 -9.41 4.51 -2.72
CA ALA A 164 -8.25 5.30 -3.12
C ALA A 164 -7.59 6.08 -1.97
N ILE A 165 -8.36 6.68 -1.07
CA ILE A 165 -7.76 7.30 0.11
C ILE A 165 -6.98 6.29 0.97
N LEU A 166 -7.55 5.08 1.11
CA LEU A 166 -6.90 3.97 1.76
C LEU A 166 -5.57 3.65 1.11
N TYR A 167 -5.57 3.41 -0.19
CA TYR A 167 -4.30 3.13 -0.89
C TYR A 167 -3.21 4.22 -0.61
N GLU A 168 -3.63 5.49 -0.55
CA GLU A 168 -2.72 6.60 -0.35
C GLU A 168 -2.15 6.55 1.08
N LYS A 169 -2.99 6.29 2.08
CA LYS A 169 -2.49 6.11 3.44
C LYS A 169 -1.45 4.98 3.51
N LEU A 170 -1.73 3.86 2.86
CA LEU A 170 -0.76 2.81 2.81
C LEU A 170 0.56 3.28 2.16
N LYS A 171 0.50 3.95 1.00
CA LYS A 171 1.69 4.48 0.33
C LYS A 171 2.47 5.40 1.24
N LYS A 172 1.78 6.37 1.84
CA LYS A 172 2.43 7.41 2.60
C LYS A 172 3.11 6.83 3.88
N ALA A 173 2.44 5.90 4.56
CA ALA A 173 3.04 5.25 5.72
C ALA A 173 4.20 4.32 5.32
N HIS A 174 4.12 3.66 4.17
CA HIS A 174 5.21 2.80 3.71
C HIS A 174 6.45 3.60 3.49
N GLU A 175 6.31 4.82 3.00
CA GLU A 175 7.43 5.71 2.82
C GLU A 175 7.98 6.18 4.16
N ASP A 176 7.10 6.66 5.04
CA ASP A 176 7.51 7.19 6.33
C ASP A 176 8.32 6.16 7.06
N VAL A 177 7.97 4.90 6.92
CA VAL A 177 8.63 3.90 7.69
C VAL A 177 10.01 3.64 7.12
N ILE A 178 10.10 3.44 5.83
CA ILE A 178 11.41 3.36 5.20
C ILE A 178 12.34 4.56 5.53
N TYR A 179 11.80 5.77 5.57
CA TYR A 179 12.61 6.92 5.79
C TYR A 179 13.02 7.02 7.24
N ARG A 180 12.06 6.93 8.16
CA ARG A 180 12.36 7.11 9.57
C ARG A 180 13.24 5.98 10.06
N LEU A 181 12.98 4.76 9.63
CA LEU A 181 13.79 3.65 10.11
C LEU A 181 15.15 3.57 9.46
N SER A 182 15.30 4.08 8.25
CA SER A 182 16.61 4.14 7.69
C SER A 182 17.46 5.13 8.46
N HIS A 183 16.86 6.19 8.98
CA HIS A 183 17.54 7.17 9.80
C HIS A 183 17.64 6.72 11.24
N ALA A 184 17.63 5.41 11.45
CA ALA A 184 17.74 4.91 12.80
C ALA A 184 19.19 4.97 13.29
N THR A 185 20.15 5.07 12.35
CA THR A 185 21.57 5.24 12.71
C THR A 185 21.87 6.64 13.28
N LYS A 186 20.86 7.47 13.44
CA LYS A 186 21.01 8.88 13.80
C LYS A 186 21.60 9.28 15.17
N PHE A 187 21.71 8.33 16.08
CA PHE A 187 22.32 8.60 17.39
C PHE A 187 23.84 8.36 17.33
N LYS A 188 24.26 7.54 16.36
CA LYS A 188 25.65 7.16 16.19
C LYS A 188 26.30 7.56 14.84
N ASP A 189 25.67 8.44 14.07
CA ASP A 189 26.11 8.77 12.71
C ASP A 189 25.51 10.07 12.22
N PRO A 190 26.36 10.93 11.63
CA PRO A 190 25.96 12.30 11.27
C PRO A 190 24.96 12.42 10.11
N GLU A 191 24.87 11.42 9.22
CA GLU A 191 23.97 11.48 8.03
C GLU A 191 22.55 11.88 8.37
N THR A 192 22.02 12.85 7.61
CA THR A 192 20.73 13.47 7.92
C THR A 192 19.55 12.68 7.33
N GLN A 193 18.36 12.98 7.85
CA GLN A 193 17.13 12.41 7.33
C GLN A 193 17.00 12.78 5.84
N ASN A 194 17.22 14.05 5.54
CA ASN A 194 17.06 14.48 4.16
C ASN A 194 18.09 13.91 3.23
N HIS A 195 19.28 13.62 3.73
CA HIS A 195 20.25 12.92 2.86
C HIS A 195 19.63 11.68 2.36
N ILE A 196 18.99 10.93 3.26
CA ILE A 196 18.47 9.59 2.97
C ILE A 196 17.36 9.64 1.94
N ILE A 197 16.46 10.60 2.09
CA ILE A 197 15.39 10.80 1.13
C ILE A 197 15.98 11.15 -0.26
N ARG A 198 16.74 12.25 -0.32
CA ARG A 198 17.27 12.80 -1.56
C ARG A 198 17.97 11.71 -2.38
N VAL A 199 18.70 10.81 -1.71
CA VAL A 199 19.45 9.80 -2.48
C VAL A 199 18.53 8.95 -3.36
N GLY A 200 17.36 8.64 -2.80
CA GLY A 200 16.30 7.96 -3.51
C GLY A 200 15.61 8.83 -4.56
N LEU A 201 15.37 10.10 -4.26
CA LEU A 201 14.84 11.00 -5.27
C LEU A 201 15.75 11.11 -6.52
N TYR A 202 17.06 11.26 -6.33
CA TYR A 202 17.98 11.30 -7.46
C TYR A 202 17.91 9.99 -8.23
N ALA A 203 17.99 8.86 -7.53
CA ALA A 203 17.91 7.55 -8.15
C ALA A 203 16.61 7.37 -8.95
N GLU A 204 15.54 7.95 -8.44
CA GLU A 204 14.25 7.90 -9.12
C GLU A 204 14.36 8.48 -10.49
N ILE A 205 14.73 9.77 -10.56
CA ILE A 205 14.89 10.48 -11.83
C ILE A 205 15.86 9.76 -12.72
N LEU A 206 16.93 9.28 -12.13
CA LEU A 206 17.87 8.53 -12.93
C LEU A 206 17.22 7.29 -13.54
N ALA A 207 16.49 6.50 -12.74
CA ALA A 207 15.87 5.26 -13.24
C ALA A 207 14.84 5.54 -14.32
N ARG A 208 14.06 6.60 -14.13
CA ARG A 208 13.04 6.93 -15.10
C ARG A 208 13.70 7.20 -16.44
N GLU A 209 14.59 8.20 -16.47
CA GLU A 209 15.29 8.61 -17.71
C GLU A 209 16.20 7.53 -18.28
N ALA A 210 16.39 6.44 -17.54
CA ALA A 210 17.22 5.33 -17.98
C ALA A 210 16.39 4.29 -18.69
N GLY A 211 15.07 4.46 -18.65
CA GLY A 211 14.18 3.60 -19.39
C GLY A 211 13.38 2.64 -18.58
N LEU A 212 13.61 2.55 -17.28
CA LEU A 212 12.95 1.51 -16.48
C LEU A 212 11.44 1.68 -16.32
N ASP A 213 10.76 0.54 -16.19
CA ASP A 213 9.33 0.47 -15.97
C ASP A 213 8.94 1.30 -14.74
N GLU A 214 7.78 1.94 -14.77
CA GLU A 214 7.40 2.84 -13.68
C GLU A 214 7.39 2.15 -12.33
N GLU A 215 7.20 0.83 -12.32
CA GLU A 215 7.18 0.09 -11.06
C GLU A 215 8.59 -0.05 -10.48
N ASP A 216 9.59 -0.22 -11.34
CA ASP A 216 10.98 -0.25 -10.89
C ASP A 216 11.49 1.13 -10.47
N VAL A 217 10.92 2.15 -11.05
CA VAL A 217 11.31 3.52 -10.70
C VAL A 217 10.84 3.79 -9.29
N GLU A 218 9.58 3.46 -8.99
CA GLU A 218 9.08 3.57 -7.65
C GLU A 218 9.94 2.75 -6.67
N LEU A 219 10.46 1.61 -7.11
CA LEU A 219 11.20 0.71 -6.23
C LEU A 219 12.53 1.28 -5.79
N VAL A 220 13.29 1.77 -6.77
CA VAL A 220 14.57 2.36 -6.51
C VAL A 220 14.39 3.62 -5.67
N LYS A 221 13.31 4.36 -5.88
CA LYS A 221 13.09 5.55 -5.08
C LYS A 221 13.03 5.20 -3.60
N LEU A 222 12.52 4.00 -3.29
CA LEU A 222 12.29 3.58 -1.92
C LEU A 222 13.33 2.62 -1.39
N ALA A 223 14.02 1.88 -2.27
CA ALA A 223 15.10 0.97 -1.86
C ALA A 223 16.39 1.71 -1.57
N ALA A 224 16.81 2.61 -2.47
CA ALA A 224 18.08 3.30 -2.32
C ALA A 224 18.25 3.98 -0.98
N PRO A 225 17.18 4.54 -0.41
CA PRO A 225 17.46 5.17 0.87
C PRO A 225 17.86 4.21 2.00
N MET A 226 17.83 2.89 1.80
CA MET A 226 18.23 2.01 2.90
C MET A 226 19.67 1.53 2.72
N HIS A 227 20.42 2.10 1.77
CA HIS A 227 21.74 1.55 1.44
C HIS A 227 22.66 1.43 2.64
N ASP A 228 22.52 2.33 3.62
CA ASP A 228 23.48 2.37 4.73
C ASP A 228 23.02 1.72 6.03
N ILE A 229 21.93 0.95 5.95
CA ILE A 229 21.35 0.34 7.13
C ILE A 229 22.34 -0.50 7.97
N GLY A 230 23.21 -1.27 7.31
CA GLY A 230 24.19 -2.13 7.95
C GLY A 230 25.13 -1.43 8.91
N LYS A 231 25.12 -0.10 8.91
CA LYS A 231 25.97 0.61 9.86
C LYS A 231 25.60 0.27 11.27
N VAL A 232 24.36 -0.20 11.43
CA VAL A 232 23.87 -0.53 12.76
C VAL A 232 24.76 -1.62 13.36
N GLY A 233 25.18 -2.56 12.52
CA GLY A 233 26.04 -3.68 12.98
C GLY A 233 27.51 -3.41 13.32
N ILE A 234 28.01 -2.21 13.04
CA ILE A 234 29.42 -1.81 13.29
C ILE A 234 29.70 -1.49 14.79
N PRO A 235 30.70 -2.15 15.35
CA PRO A 235 31.07 -1.95 16.73
C PRO A 235 31.33 -0.47 17.01
N ASP A 236 30.84 0.05 18.13
CA ASP A 236 31.18 1.41 18.60
C ASP A 236 32.70 1.75 18.63
N ARG A 237 33.55 0.80 19.03
CA ARG A 237 34.99 1.02 19.02
C ARG A 237 35.50 1.48 17.64
N VAL A 238 34.64 1.40 16.62
CA VAL A 238 35.01 1.83 15.25
C VAL A 238 34.15 3.01 14.80
N LEU A 239 32.84 2.79 14.72
CA LEU A 239 31.96 3.84 14.28
C LEU A 239 32.10 5.10 15.13
N LEU A 240 32.41 4.93 16.40
CA LEU A 240 32.50 6.10 17.25
C LEU A 240 33.92 6.53 17.64
N LYS A 241 34.93 5.91 17.04
CA LYS A 241 36.32 6.23 17.34
C LYS A 241 36.61 7.70 17.02
N PRO A 242 37.14 8.44 18.00
CA PRO A 242 37.27 9.86 17.64
C PRO A 242 38.44 10.20 16.72
N GLY A 243 39.19 9.22 16.22
CA GLY A 243 40.36 9.48 15.35
C GLY A 243 40.11 9.35 13.85
N LYS A 244 41.15 9.17 13.06
CA LYS A 244 40.96 8.51 11.78
C LYS A 244 41.06 7.01 12.12
N LEU A 245 40.54 6.13 11.28
CA LEU A 245 40.66 4.69 11.55
C LEU A 245 41.93 4.10 10.96
N ASN A 246 42.48 3.06 11.58
CA ASN A 246 43.55 2.25 10.95
C ASN A 246 42.97 1.18 10.00
N ASP A 247 43.83 0.40 9.37
CA ASP A 247 43.37 -0.56 8.36
C ASP A 247 42.52 -1.68 8.94
N GLU A 248 42.85 -2.16 10.13
CA GLU A 248 42.05 -3.21 10.76
C GLU A 248 40.61 -2.65 10.97
N GLU A 249 40.50 -1.43 11.48
CA GLU A 249 39.21 -0.77 11.70
C GLU A 249 38.48 -0.43 10.42
N TRP A 250 39.25 -0.08 9.38
CA TRP A 250 38.64 0.24 8.11
C TRP A 250 37.96 -0.98 7.52
N GLU A 251 38.60 -2.14 7.58
CA GLU A 251 38.03 -3.40 7.11
C GLU A 251 36.70 -3.72 7.77
N ILE A 252 36.53 -3.30 9.01
CA ILE A 252 35.31 -3.57 9.76
C ILE A 252 34.24 -2.59 9.30
N MET A 253 34.65 -1.37 9.01
CA MET A 253 33.73 -0.40 8.42
C MET A 253 33.15 -0.88 7.10
N LYS A 254 34.03 -1.20 6.15
CA LYS A 254 33.62 -1.84 4.91
C LYS A 254 32.47 -2.85 5.07
N LYS A 255 32.50 -3.63 6.15
CA LYS A 255 31.49 -4.66 6.36
C LYS A 255 30.01 -4.20 6.44
N HIS A 256 29.76 -2.89 6.61
CA HIS A 256 28.36 -2.43 6.72
C HIS A 256 27.63 -2.77 5.43
N THR A 257 28.39 -2.98 4.36
CA THR A 257 27.81 -3.46 3.14
C THR A 257 27.24 -4.87 3.30
N ILE A 258 28.04 -5.81 3.80
CA ILE A 258 27.56 -7.18 4.11
C ILE A 258 26.44 -7.12 5.16
N TYR A 259 26.64 -6.36 6.23
CA TYR A 259 25.63 -6.26 7.31
C TYR A 259 24.26 -5.82 6.77
N GLY A 260 24.30 -4.85 5.88
CA GLY A 260 23.11 -4.42 5.16
C GLY A 260 22.43 -5.55 4.42
N TYR A 261 23.17 -6.27 3.57
CA TYR A 261 22.64 -7.37 2.80
C TYR A 261 21.96 -8.34 3.74
N GLU A 262 22.68 -8.82 4.77
CA GLU A 262 22.08 -9.74 5.78
C GLU A 262 20.78 -9.20 6.37
N ILE A 263 20.74 -7.92 6.80
CA ILE A 263 19.52 -7.32 7.39
C ILE A 263 18.31 -7.36 6.44
N LEU A 264 18.57 -7.09 5.16
CA LEU A 264 17.56 -6.88 4.14
C LEU A 264 17.15 -8.11 3.29
N LYS A 265 18.09 -9.02 2.99
CA LYS A 265 17.85 -10.12 2.03
C LYS A 265 16.83 -11.12 2.51
N GLY A 266 16.41 -12.02 1.64
CA GLY A 266 15.53 -13.12 2.04
C GLY A 266 14.06 -12.71 2.15
N GLY A 267 13.80 -11.45 2.53
CA GLY A 267 12.50 -10.85 2.26
C GLY A 267 12.02 -11.43 0.94
N ASP A 268 10.79 -11.91 0.92
CA ASP A 268 10.22 -12.51 -0.27
C ASP A 268 9.93 -11.48 -1.42
N SER A 269 9.70 -10.24 -1.06
CA SER A 269 9.17 -9.25 -1.99
C SER A 269 10.29 -8.51 -2.77
N ARG A 270 9.91 -7.84 -3.87
CA ARG A 270 10.90 -7.25 -4.76
C ARG A 270 11.65 -6.08 -4.14
N LEU A 271 10.92 -5.19 -3.46
CA LEU A 271 11.53 -4.08 -2.77
C LEU A 271 12.74 -4.51 -1.94
N LEU A 272 12.61 -5.57 -1.13
CA LEU A 272 13.73 -5.94 -0.30
C LEU A 272 14.82 -6.65 -1.04
N GLN A 273 14.50 -7.33 -2.14
CA GLN A 273 15.57 -7.90 -2.92
C GLN A 273 16.46 -6.81 -3.49
N ILE A 274 15.85 -5.73 -3.95
CA ILE A 274 16.60 -4.63 -4.52
C ILE A 274 17.39 -3.89 -3.45
N ALA A 275 16.75 -3.58 -2.32
CA ALA A 275 17.45 -2.95 -1.23
C ALA A 275 18.70 -3.78 -0.78
N ALA A 276 18.52 -5.07 -0.58
CA ALA A 276 19.64 -5.91 -0.19
C ALA A 276 20.75 -5.84 -1.24
N ASP A 277 20.39 -5.79 -2.52
CA ASP A 277 21.41 -5.65 -3.56
C ASP A 277 22.13 -4.30 -3.54
N ILE A 278 21.36 -3.23 -3.39
CA ILE A 278 21.94 -1.88 -3.30
C ILE A 278 22.85 -1.83 -2.09
N ALA A 279 22.35 -2.33 -0.96
CA ALA A 279 23.20 -2.32 0.25
C ALA A 279 24.55 -3.01 0.07
N ILE A 280 24.58 -4.21 -0.49
CA ILE A 280 25.88 -4.85 -0.70
C ILE A 280 26.72 -4.23 -1.85
N GLU A 281 26.07 -3.47 -2.74
CA GLU A 281 26.74 -3.07 -3.96
C GLU A 281 27.23 -1.65 -4.03
N HIS A 282 26.69 -0.77 -3.18
CA HIS A 282 26.88 0.64 -3.37
C HIS A 282 28.28 1.16 -3.21
N HIS A 283 29.20 0.38 -2.65
CA HIS A 283 30.61 0.82 -2.67
C HIS A 283 31.42 0.09 -3.69
N GLU A 284 30.82 -0.76 -4.50
CA GLU A 284 31.51 -1.30 -5.67
C GLU A 284 31.72 -0.21 -6.74
N ARG A 285 32.76 -0.35 -7.55
CA ARG A 285 33.05 0.62 -8.62
C ARG A 285 33.02 -0.11 -9.95
N TRP A 286 32.57 0.57 -10.99
CA TRP A 286 32.43 0.02 -12.35
C TRP A 286 33.66 -0.71 -12.87
N ASP A 287 34.84 -0.29 -12.42
CA ASP A 287 36.10 -0.88 -12.88
C ASP A 287 36.62 -2.01 -11.98
N GLY A 288 35.83 -2.43 -11.00
CA GLY A 288 36.18 -3.58 -10.15
C GLY A 288 37.17 -3.28 -9.03
N THR A 289 37.39 -2.00 -8.74
CA THR A 289 38.32 -1.60 -7.68
C THR A 289 37.61 -1.19 -6.40
N GLY A 290 36.34 -1.52 -6.31
CA GLY A 290 35.53 -1.15 -5.14
C GLY A 290 35.51 -2.27 -4.14
N TYR A 291 34.69 -2.10 -3.09
CA TYR A 291 34.51 -3.11 -2.05
C TYR A 291 33.04 -3.47 -1.87
N PRO A 292 32.72 -4.64 -1.26
CA PRO A 292 33.63 -5.66 -0.67
C PRO A 292 34.13 -6.75 -1.61
N PHE A 293 33.55 -6.88 -2.79
CA PHE A 293 33.90 -8.01 -3.62
C PHE A 293 34.69 -7.64 -4.85
N GLY A 294 34.66 -6.37 -5.25
CA GLY A 294 35.36 -5.89 -6.43
C GLY A 294 34.64 -6.31 -7.69
N LYS A 295 33.31 -6.26 -7.63
CA LYS A 295 32.49 -6.57 -8.81
C LYS A 295 32.78 -5.54 -9.91
N LYS A 296 32.81 -6.00 -11.15
CA LYS A 296 33.13 -5.14 -12.27
C LYS A 296 31.95 -5.02 -13.20
N GLY A 297 31.78 -3.82 -13.77
CA GLY A 297 30.78 -3.57 -14.81
C GLY A 297 29.40 -4.05 -14.48
N GLU A 298 28.86 -4.93 -15.33
CA GLU A 298 27.46 -5.32 -15.20
C GLU A 298 27.19 -6.43 -14.20
N GLU A 299 28.24 -6.91 -13.55
CA GLU A 299 28.14 -7.73 -12.35
C GLU A 299 27.51 -6.92 -11.20
N ILE A 300 27.73 -5.60 -11.18
CA ILE A 300 26.99 -4.76 -10.26
C ILE A 300 25.60 -4.57 -10.84
N SER A 301 24.56 -4.83 -10.07
CA SER A 301 23.19 -4.62 -10.54
C SER A 301 23.00 -3.14 -10.87
N ILE A 302 22.00 -2.86 -11.68
CA ILE A 302 21.80 -1.52 -12.13
C ILE A 302 21.34 -0.61 -10.99
N TYR A 303 20.59 -1.16 -10.04
CA TYR A 303 20.11 -0.33 -8.91
C TYR A 303 21.29 0.10 -8.03
N GLY A 304 22.35 -0.71 -8.05
CA GLY A 304 23.52 -0.37 -7.30
C GLY A 304 24.23 0.77 -7.98
N ARG A 305 24.34 0.63 -9.30
CA ARG A 305 25.01 1.62 -10.10
C ARG A 305 24.36 2.99 -9.99
N MET A 306 23.04 3.02 -9.86
CA MET A 306 22.31 4.28 -9.78
C MET A 306 22.53 4.93 -8.45
N THR A 307 22.61 4.10 -7.42
CA THR A 307 22.81 4.62 -6.08
C THR A 307 24.22 5.13 -5.83
N SER A 308 25.24 4.41 -6.30
CA SER A 308 26.61 4.92 -6.24
C SER A 308 26.58 6.38 -6.73
N ILE A 309 26.16 6.57 -7.98
CA ILE A 309 26.01 7.89 -8.53
C ILE A 309 25.26 8.88 -7.62
N SER A 310 24.08 8.52 -7.13
CA SER A 310 23.25 9.53 -6.44
C SER A 310 23.83 9.90 -5.09
N ASP A 311 24.54 8.96 -4.50
CA ASP A 311 25.11 9.11 -3.18
C ASP A 311 26.32 10.08 -3.32
N VAL A 312 27.25 9.76 -4.21
CA VAL A 312 28.33 10.69 -4.51
C VAL A 312 27.77 12.08 -4.86
N PHE A 313 26.72 12.12 -5.68
CA PHE A 313 26.20 13.42 -5.99
C PHE A 313 25.83 14.18 -4.74
N ASP A 314 25.16 13.53 -3.81
CA ASP A 314 24.70 14.23 -2.63
C ASP A 314 25.81 14.73 -1.73
N ALA A 315 26.87 13.93 -1.60
CA ALA A 315 28.05 14.31 -0.83
C ALA A 315 28.75 15.57 -1.40
N LEU A 316 29.00 15.57 -2.73
CA LEU A 316 29.79 16.63 -3.37
C LEU A 316 29.09 17.94 -3.23
N THR A 317 27.79 17.88 -3.06
CA THR A 317 26.99 19.09 -3.12
C THR A 317 26.50 19.52 -1.73
N SER A 318 27.14 18.99 -0.68
CA SER A 318 26.85 19.40 0.68
C SER A 318 28.08 20.03 1.33
N ASP A 319 27.89 21.23 1.90
CA ASP A 319 28.92 21.93 2.71
C ASP A 319 29.28 21.09 3.94
N ARG A 320 30.56 21.08 4.25
CA ARG A 320 31.10 20.59 5.49
C ARG A 320 32.12 21.64 5.87
N PRO A 321 32.51 21.71 7.17
CA PRO A 321 33.37 22.87 7.49
C PRO A 321 34.69 22.85 6.67
N TYR A 322 35.17 24.03 6.25
CA TYR A 322 36.41 24.16 5.42
C TYR A 322 36.26 23.67 3.98
N LYS A 323 35.14 23.02 3.68
CA LYS A 323 34.88 22.38 2.40
C LYS A 323 33.52 22.78 1.86
N LYS A 324 33.47 23.88 1.15
CA LYS A 324 32.24 24.27 0.47
C LYS A 324 31.80 23.25 -0.58
N ALA A 325 30.50 23.02 -0.65
CA ALA A 325 29.90 22.22 -1.69
C ALA A 325 30.34 22.66 -3.08
N TRP A 326 30.72 21.72 -3.90
CA TRP A 326 30.88 21.92 -5.33
C TRP A 326 29.64 22.47 -6.06
N ASP A 327 29.86 23.40 -6.98
CA ASP A 327 28.76 23.96 -7.77
C ASP A 327 28.57 23.12 -9.01
N MET A 328 27.63 23.52 -9.87
CA MET A 328 27.35 22.70 -11.04
C MET A 328 28.55 22.34 -11.89
N ASP A 329 29.32 23.34 -12.30
CA ASP A 329 30.42 23.07 -13.22
C ASP A 329 31.45 22.09 -12.61
N ARG A 330 31.82 22.36 -11.35
CA ARG A 330 32.78 21.56 -10.63
C ARG A 330 32.34 20.08 -10.60
N THR A 331 31.07 19.88 -10.25
CA THR A 331 30.49 18.55 -10.14
C THR A 331 30.46 17.73 -11.45
N VAL A 332 30.04 18.39 -12.54
CA VAL A 332 30.00 17.81 -13.86
C VAL A 332 31.41 17.38 -14.28
N ARG A 333 32.41 18.23 -14.00
CA ARG A 333 33.78 17.85 -14.33
C ARG A 333 34.09 16.57 -13.60
N PHE A 334 33.75 16.52 -12.31
CA PHE A 334 34.00 15.30 -11.58
C PHE A 334 33.38 14.03 -12.19
N PHE A 335 32.12 14.09 -12.62
CA PHE A 335 31.48 12.88 -13.12
C PHE A 335 32.04 12.46 -14.46
N LYS A 336 32.43 13.44 -15.27
CA LYS A 336 33.05 13.16 -16.54
C LYS A 336 34.38 12.42 -16.29
N GLU A 337 35.14 12.88 -15.29
CA GLU A 337 36.46 12.31 -15.02
C GLU A 337 36.30 10.91 -14.42
N GLN A 338 35.15 10.65 -13.78
CA GLN A 338 34.88 9.34 -13.17
C GLN A 338 34.16 8.32 -14.06
N LYS A 339 33.71 8.77 -15.25
CA LYS A 339 33.04 7.91 -16.22
C LYS A 339 33.90 6.68 -16.50
N GLY A 340 33.32 5.49 -16.35
CA GLY A 340 34.09 4.26 -16.59
C GLY A 340 35.10 3.90 -15.49
N LYS A 341 35.17 4.71 -14.44
CA LYS A 341 36.00 4.38 -13.28
C LYS A 341 35.14 3.98 -12.08
N HIS A 342 34.73 4.97 -11.30
CA HIS A 342 33.74 4.74 -10.30
C HIS A 342 32.42 4.37 -10.94
N PHE A 343 32.04 5.07 -12.00
CA PHE A 343 30.65 5.01 -12.44
C PHE A 343 30.47 4.43 -13.81
N ASP A 344 29.30 3.77 -14.00
CA ASP A 344 28.82 3.27 -15.30
C ASP A 344 28.69 4.47 -16.27
N PRO A 345 29.43 4.42 -17.40
CA PRO A 345 29.43 5.50 -18.39
C PRO A 345 28.03 5.77 -18.95
N PHE A 346 27.37 4.74 -19.47
CA PHE A 346 26.04 4.93 -20.05
C PHE A 346 25.09 5.67 -19.07
N LEU A 347 25.22 5.36 -17.79
CA LEU A 347 24.37 5.94 -16.74
C LEU A 347 24.76 7.34 -16.29
N THR A 348 26.06 7.61 -16.24
CA THR A 348 26.55 8.95 -15.97
C THR A 348 26.03 9.95 -17.01
N ASP A 349 26.10 9.56 -18.28
CA ASP A 349 25.60 10.43 -19.35
C ASP A 349 24.14 10.82 -19.08
N ILE A 350 23.32 9.83 -18.72
CA ILE A 350 21.92 10.11 -18.45
C ILE A 350 21.83 11.02 -17.24
N PHE A 351 22.67 10.74 -16.24
CA PHE A 351 22.72 11.56 -15.07
C PHE A 351 23.10 13.01 -15.41
N LEU A 352 24.15 13.16 -16.21
CA LEU A 352 24.54 14.48 -16.72
C LEU A 352 23.43 15.22 -17.50
N LYS A 353 22.71 14.54 -18.41
CA LYS A 353 21.57 15.18 -19.11
C LYS A 353 20.59 15.77 -18.11
N ASN A 354 20.51 15.18 -16.92
CA ASN A 354 19.52 15.65 -16.01
C ASN A 354 20.04 16.32 -14.78
N ILE A 355 21.24 16.88 -14.82
CA ILE A 355 21.83 17.32 -13.56
C ILE A 355 21.12 18.53 -12.99
N ASP A 356 20.42 19.29 -13.80
CA ASP A 356 19.69 20.44 -13.27
C ASP A 356 18.60 19.99 -12.32
N GLN A 357 18.04 18.82 -12.59
CA GLN A 357 16.93 18.25 -11.79
C GLN A 357 17.44 17.82 -10.42
N MET A 358 18.68 17.33 -10.42
CA MET A 358 19.40 16.90 -9.24
C MET A 358 19.61 18.11 -8.37
N PHE A 359 20.13 19.19 -8.92
CA PHE A 359 20.30 20.38 -8.11
C PHE A 359 18.97 20.94 -7.63
N SER A 360 17.89 20.73 -8.39
CA SER A 360 16.59 21.22 -7.93
C SER A 360 16.17 20.50 -6.68
N ILE A 361 16.27 19.18 -6.72
CA ILE A 361 15.94 18.38 -5.57
C ILE A 361 16.78 18.89 -4.39
N LYS A 362 18.11 18.86 -4.54
CA LYS A 362 19.06 19.31 -3.53
C LYS A 362 18.78 20.71 -3.03
N ARG A 363 18.06 21.49 -3.82
CA ARG A 363 17.77 22.85 -3.45
C ARG A 363 16.48 22.98 -2.61
N GLU A 364 15.48 22.14 -2.84
CA GLU A 364 14.18 22.26 -2.15
C GLU A 364 14.09 21.42 -0.90
N LEU A 365 14.78 20.30 -0.90
CA LEU A 365 14.86 19.45 0.26
C LEU A 365 16.24 19.67 0.89
N ARG A 366 16.37 20.86 1.50
CA ARG A 366 17.64 21.38 1.96
C ARG A 366 18.27 20.49 3.04
N TYR B 4 -44.73 -2.85 -15.16
CA TYR B 4 -43.77 -2.26 -16.18
C TYR B 4 -42.26 -2.38 -15.89
N GLN B 5 -41.44 -2.33 -16.95
CA GLN B 5 -39.97 -2.52 -16.82
C GLN B 5 -39.12 -1.28 -16.47
N ASP B 6 -37.91 -1.53 -15.95
CA ASP B 6 -36.95 -0.46 -15.54
C ASP B 6 -35.91 -0.24 -16.63
N PRO B 7 -35.86 0.98 -17.17
CA PRO B 7 -34.88 1.11 -18.24
C PRO B 7 -33.41 0.94 -17.75
N GLU B 8 -33.07 1.45 -16.55
CA GLU B 8 -31.66 1.47 -16.14
C GLU B 8 -31.29 0.23 -15.32
N ARG B 9 -32.11 -0.80 -15.40
CA ARG B 9 -32.02 -1.89 -14.45
C ARG B 9 -30.63 -2.45 -14.43
N LYS B 10 -30.08 -2.83 -15.59
CA LYS B 10 -28.73 -3.43 -15.60
C LYS B 10 -27.68 -2.42 -15.15
N LEU B 11 -27.73 -1.19 -15.68
CA LEU B 11 -26.83 -0.15 -15.21
C LEU B 11 -26.71 -0.11 -13.67
N LYS B 12 -27.83 -0.06 -12.96
CA LYS B 12 -27.76 -0.16 -11.51
C LYS B 12 -27.15 -1.47 -10.96
N ILE B 13 -27.58 -2.63 -11.44
CA ILE B 13 -26.96 -3.88 -11.02
C ILE B 13 -25.44 -3.69 -11.09
N LEU B 14 -24.97 -3.14 -12.21
CA LEU B 14 -23.54 -3.04 -12.49
C LEU B 14 -22.83 -2.05 -11.57
N LEU B 15 -23.50 -0.95 -11.23
CA LEU B 15 -22.95 -0.01 -10.26
C LEU B 15 -22.73 -0.75 -8.96
N ASP B 16 -23.72 -1.55 -8.62
CA ASP B 16 -23.77 -2.23 -7.35
C ASP B 16 -22.67 -3.24 -7.27
N TYR B 17 -22.47 -4.06 -8.31
CA TYR B 17 -21.32 -4.95 -8.34
C TYR B 17 -20.02 -4.18 -8.24
N SER B 18 -20.00 -2.97 -8.77
CA SER B 18 -18.78 -2.25 -8.88
C SER B 18 -18.39 -1.69 -7.56
N SER B 19 -19.36 -1.38 -6.72
CA SER B 19 -19.09 -0.99 -5.35
C SER B 19 -18.54 -2.11 -4.52
N LYS B 20 -19.18 -3.28 -4.63
CA LYS B 20 -18.78 -4.47 -3.89
C LYS B 20 -17.33 -4.82 -4.22
N ILE B 21 -17.00 -4.82 -5.51
CA ILE B 21 -15.69 -5.23 -5.95
C ILE B 21 -14.63 -4.23 -5.53
N ALA B 22 -15.01 -2.97 -5.43
CA ALA B 22 -14.04 -1.96 -5.08
C ALA B 22 -13.62 -2.06 -3.63
N ASN B 23 -14.43 -2.74 -2.79
CA ASN B 23 -14.17 -2.83 -1.33
C ASN B 23 -13.53 -4.15 -0.98
N GLU B 24 -13.61 -5.09 -1.91
CA GLU B 24 -13.09 -6.42 -1.70
C GLU B 24 -11.59 -6.40 -1.90
N LYS B 25 -10.81 -6.84 -0.91
CA LYS B 25 -9.34 -6.91 -1.06
C LYS B 25 -8.88 -8.33 -1.39
N ASP B 26 -9.82 -9.26 -1.32
CA ASP B 26 -9.52 -10.65 -1.52
C ASP B 26 -9.74 -11.13 -2.96
N LEU B 27 -8.68 -11.59 -3.61
CA LEU B 27 -8.80 -11.99 -4.99
C LEU B 27 -9.86 -13.07 -5.23
N ARG B 28 -9.97 -14.03 -4.31
CA ARG B 28 -11.02 -15.04 -4.35
C ARG B 28 -12.42 -14.46 -4.57
N ASN B 29 -12.78 -13.48 -3.76
CA ASN B 29 -14.07 -12.85 -3.83
C ASN B 29 -14.19 -11.88 -4.99
N VAL B 30 -13.09 -11.34 -5.46
CA VAL B 30 -13.15 -10.48 -6.63
C VAL B 30 -13.50 -11.37 -7.82
N LEU B 31 -12.90 -12.54 -7.91
CA LEU B 31 -13.21 -13.45 -9.00
C LEU B 31 -14.65 -13.90 -8.94
N LEU B 32 -15.13 -14.15 -7.74
CA LEU B 32 -16.51 -14.50 -7.61
C LEU B 32 -17.39 -13.37 -8.08
N PHE B 33 -17.24 -12.20 -7.50
CA PHE B 33 -18.12 -11.12 -7.85
C PHE B 33 -18.05 -10.83 -9.34
N LEU B 34 -16.87 -11.02 -9.94
CA LEU B 34 -16.78 -10.77 -11.37
C LEU B 34 -17.60 -11.77 -12.16
N THR B 35 -17.49 -13.05 -11.84
CA THR B 35 -18.27 -14.03 -12.56
C THR B 35 -19.76 -13.76 -12.33
N ASP B 36 -20.19 -13.50 -11.09
CA ASP B 36 -21.63 -13.25 -10.86
C ASP B 36 -22.16 -12.12 -11.70
N LEU B 37 -21.33 -11.09 -11.79
CA LEU B 37 -21.63 -9.90 -12.56
C LEU B 37 -21.82 -10.26 -14.05
N ALA B 38 -20.87 -11.00 -14.62
CA ALA B 38 -20.97 -11.41 -16.02
C ALA B 38 -22.22 -12.25 -16.28
N LYS B 39 -22.48 -13.29 -15.49
CA LYS B 39 -23.72 -14.07 -15.61
C LYS B 39 -24.93 -13.17 -15.77
N GLU B 40 -25.05 -12.14 -14.94
CA GLU B 40 -26.23 -11.26 -14.96
C GLU B 40 -26.29 -10.33 -16.16
N ILE B 41 -25.24 -9.55 -16.38
CA ILE B 41 -25.13 -8.59 -17.49
C ILE B 41 -25.15 -9.27 -18.89
N MET B 42 -24.51 -10.43 -19.03
CA MET B 42 -24.51 -11.22 -20.26
C MET B 42 -25.70 -12.13 -20.40
N GLU B 43 -26.47 -12.31 -19.34
CA GLU B 43 -27.64 -13.17 -19.37
C GLU B 43 -27.23 -14.57 -19.74
N ALA B 44 -26.20 -15.06 -19.05
CA ALA B 44 -25.66 -16.39 -19.29
C ALA B 44 -25.84 -17.31 -18.09
N ASP B 45 -25.90 -18.61 -18.33
CA ASP B 45 -26.07 -19.51 -17.21
C ASP B 45 -24.81 -19.61 -16.37
N ARG B 46 -23.63 -19.53 -16.97
CA ARG B 46 -22.40 -19.73 -16.21
C ARG B 46 -21.29 -18.81 -16.65
N ALA B 47 -20.34 -18.56 -15.76
CA ALA B 47 -19.12 -17.86 -16.17
C ALA B 47 -17.85 -18.38 -15.43
N SER B 48 -16.68 -18.12 -15.99
CA SER B 48 -15.42 -18.61 -15.42
C SER B 48 -14.35 -17.64 -15.82
N ILE B 49 -13.54 -17.23 -14.85
CA ILE B 49 -12.30 -16.51 -15.15
C ILE B 49 -11.12 -17.50 -15.04
N PHE B 50 -10.20 -17.44 -15.99
CA PHE B 50 -9.01 -18.29 -15.94
C PHE B 50 -7.78 -17.41 -15.88
N LEU B 51 -6.89 -17.68 -14.92
CA LEU B 51 -5.66 -16.92 -14.78
C LEU B 51 -4.41 -17.80 -14.93
N TYR B 52 -3.28 -17.18 -15.26
CA TYR B 52 -2.07 -17.94 -15.52
C TYR B 52 -1.16 -18.03 -14.28
N ASP B 53 -0.48 -19.16 -14.14
CA ASP B 53 0.54 -19.37 -13.10
C ASP B 53 1.90 -19.54 -13.78
N ASP B 54 2.76 -18.53 -13.66
CA ASP B 54 4.16 -18.60 -14.14
C ASP B 54 4.81 -19.90 -13.70
N GLN B 55 4.84 -20.11 -12.38
CA GLN B 55 5.52 -21.27 -11.76
C GLN B 55 5.00 -22.70 -12.05
N LYS B 56 3.69 -22.94 -12.01
CA LYS B 56 3.16 -24.25 -12.41
C LYS B 56 2.87 -24.36 -13.91
N LYS B 57 3.12 -23.26 -14.63
CA LYS B 57 2.91 -23.14 -16.09
C LYS B 57 1.51 -23.55 -16.60
N THR B 58 0.47 -23.33 -15.77
CA THR B 58 -0.91 -23.58 -16.20
C THR B 58 -1.92 -22.47 -15.87
N LEU B 59 -3.12 -22.61 -16.43
CA LEU B 59 -4.27 -21.80 -16.12
C LEU B 59 -4.95 -22.44 -14.96
N TRP B 60 -5.72 -21.64 -14.21
CA TRP B 60 -6.48 -22.15 -13.06
C TRP B 60 -7.73 -21.37 -12.85
N THR B 61 -8.68 -21.95 -12.13
CA THR B 61 -9.96 -21.32 -11.93
C THR B 61 -10.57 -21.85 -10.63
N ILE B 62 -11.48 -21.08 -10.04
CA ILE B 62 -12.20 -21.58 -8.90
C ILE B 62 -13.62 -21.97 -9.31
N VAL B 63 -13.98 -23.25 -9.15
CA VAL B 63 -15.32 -23.74 -9.54
C VAL B 63 -16.46 -23.23 -8.63
N ALA B 64 -16.50 -23.68 -7.38
CA ALA B 64 -17.54 -23.23 -6.46
C ALA B 64 -17.03 -22.12 -5.54
N HIS B 65 -17.96 -21.36 -4.96
CA HIS B 65 -17.62 -20.51 -3.83
C HIS B 65 -16.88 -21.34 -2.81
N GLY B 66 -15.70 -20.87 -2.41
CA GLY B 66 -14.98 -21.40 -1.25
C GLY B 66 -14.36 -22.80 -1.33
N VAL B 67 -14.02 -23.25 -2.54
CA VAL B 67 -13.22 -24.48 -2.69
C VAL B 67 -12.05 -24.25 -3.67
N ASP B 68 -11.01 -25.10 -3.61
CA ASP B 68 -9.65 -24.85 -4.17
C ASP B 68 -9.40 -24.84 -5.70
N ARG B 69 -8.29 -24.22 -6.12
CA ARG B 69 -7.98 -24.04 -7.54
C ARG B 69 -8.17 -25.34 -8.29
N ILE B 70 -8.69 -25.26 -9.51
CA ILE B 70 -8.61 -26.37 -10.43
C ILE B 70 -7.59 -25.97 -11.50
N GLU B 71 -6.60 -26.83 -11.71
CA GLU B 71 -5.65 -26.70 -12.83
C GLU B 71 -6.40 -26.92 -14.15
N ILE B 72 -6.07 -26.11 -15.16
CA ILE B 72 -6.71 -26.19 -16.48
C ILE B 72 -5.60 -26.16 -17.53
N ASP B 73 -5.58 -27.15 -18.42
CA ASP B 73 -4.45 -27.24 -19.34
C ASP B 73 -4.42 -26.07 -20.33
N ALA B 74 -3.39 -25.25 -20.19
CA ALA B 74 -3.15 -24.08 -21.04
C ALA B 74 -3.24 -24.33 -22.54
N ASP B 75 -2.97 -25.57 -22.96
CA ASP B 75 -2.85 -25.90 -24.39
C ASP B 75 -4.10 -26.50 -25.08
N LYS B 76 -5.02 -27.08 -24.31
CA LYS B 76 -6.26 -27.69 -24.86
C LYS B 76 -7.47 -26.81 -24.62
N GLY B 77 -8.61 -27.30 -25.09
CA GLY B 77 -9.93 -26.73 -24.81
C GLY B 77 -10.13 -25.35 -25.42
N ILE B 78 -11.29 -24.76 -25.10
CA ILE B 78 -11.66 -23.45 -25.65
C ILE B 78 -10.84 -22.35 -24.98
N ALA B 79 -10.91 -22.29 -23.66
CA ALA B 79 -10.08 -21.41 -22.83
C ALA B 79 -8.62 -21.41 -23.29
N GLY B 80 -8.03 -22.61 -23.40
CA GLY B 80 -6.68 -22.72 -23.87
C GLY B 80 -6.41 -22.01 -25.18
N TYR B 81 -7.31 -22.19 -26.16
CA TYR B 81 -7.08 -21.65 -27.49
C TYR B 81 -7.09 -20.14 -27.44
N VAL B 82 -8.11 -19.61 -26.77
CA VAL B 82 -8.20 -18.18 -26.55
C VAL B 82 -6.94 -17.70 -25.87
N PHE B 83 -6.56 -18.35 -24.76
CA PHE B 83 -5.34 -17.97 -24.07
C PHE B 83 -4.08 -17.86 -24.95
N ARG B 84 -3.85 -18.86 -25.78
CA ARG B 84 -2.64 -18.85 -26.57
C ARG B 84 -2.71 -17.92 -27.76
N THR B 85 -3.84 -17.89 -28.48
CA THR B 85 -3.87 -17.11 -29.72
C THR B 85 -4.13 -15.64 -29.51
N GLY B 86 -5.01 -15.32 -28.58
CA GLY B 86 -5.34 -13.94 -28.39
C GLY B 86 -6.71 -13.61 -28.93
N GLU B 87 -7.36 -14.55 -29.59
CA GLU B 87 -8.63 -14.17 -30.17
C GLU B 87 -9.87 -14.89 -29.65
N ILE B 88 -11.01 -14.27 -29.94
CA ILE B 88 -12.33 -14.63 -29.44
C ILE B 88 -12.87 -15.93 -30.03
N LEU B 89 -13.46 -16.76 -29.19
CA LEU B 89 -14.17 -17.91 -29.71
C LEU B 89 -15.61 -17.78 -29.39
N ASN B 90 -16.42 -17.87 -30.42
CA ASN B 90 -17.85 -17.91 -30.22
C ASN B 90 -18.41 -19.20 -30.79
N ILE B 91 -18.64 -20.16 -29.90
CA ILE B 91 -19.17 -21.42 -30.31
C ILE B 91 -20.68 -21.36 -30.29
N PRO B 92 -21.32 -21.50 -31.48
CA PRO B 92 -22.79 -21.55 -31.50
C PRO B 92 -23.31 -22.87 -30.89
N ASP B 93 -22.69 -23.99 -31.22
CA ASP B 93 -23.03 -25.26 -30.59
C ASP B 93 -21.77 -26.00 -30.19
N ALA B 94 -21.66 -26.27 -28.90
CA ALA B 94 -20.44 -26.82 -28.33
C ALA B 94 -20.18 -28.26 -28.72
N TYR B 95 -21.24 -29.00 -29.05
CA TYR B 95 -21.13 -30.42 -29.38
C TYR B 95 -20.66 -30.68 -30.80
N LYS B 96 -20.83 -29.69 -31.67
CA LYS B 96 -20.29 -29.75 -33.03
C LYS B 96 -18.86 -29.21 -33.05
N ASP B 97 -18.21 -29.21 -31.90
CA ASP B 97 -16.87 -28.66 -31.77
C ASP B 97 -15.90 -29.61 -31.02
N PRO B 98 -14.86 -30.08 -31.72
CA PRO B 98 -13.77 -30.91 -31.22
C PRO B 98 -13.02 -30.39 -29.99
N ARG B 99 -12.87 -29.07 -29.87
CA ARG B 99 -12.13 -28.52 -28.73
C ARG B 99 -12.87 -28.65 -27.41
N PHE B 100 -14.05 -29.25 -27.41
CA PHE B 100 -14.87 -29.26 -26.21
C PHE B 100 -14.88 -30.60 -25.51
N ASP B 101 -14.61 -30.60 -24.21
CA ASP B 101 -14.61 -31.86 -23.46
C ASP B 101 -15.92 -32.11 -22.70
N ARG B 102 -16.63 -33.12 -23.16
CA ARG B 102 -18.00 -33.33 -22.68
C ARG B 102 -18.04 -33.95 -21.29
N ASP B 103 -16.95 -33.85 -20.54
CA ASP B 103 -16.80 -34.65 -19.33
C ASP B 103 -17.40 -34.09 -18.06
N ILE B 104 -17.27 -32.78 -17.83
CA ILE B 104 -18.13 -32.19 -16.81
C ILE B 104 -19.56 -32.61 -17.18
N ASP B 105 -19.89 -32.41 -18.47
CA ASP B 105 -21.23 -32.65 -19.02
C ASP B 105 -21.76 -34.06 -18.82
N LYS B 106 -20.92 -35.08 -19.02
CA LYS B 106 -21.32 -36.46 -18.79
C LYS B 106 -21.93 -36.60 -17.41
N ARG B 107 -21.18 -36.16 -16.39
CA ARG B 107 -21.49 -36.51 -15.00
C ARG B 107 -22.64 -35.74 -14.37
N THR B 108 -22.54 -34.42 -14.24
CA THR B 108 -23.67 -33.65 -13.71
C THR B 108 -24.76 -33.56 -14.77
N GLY B 109 -25.98 -33.24 -14.35
CA GLY B 109 -27.14 -33.13 -15.26
C GLY B 109 -27.19 -31.81 -16.01
N TYR B 110 -26.21 -31.60 -16.91
CA TYR B 110 -25.98 -30.31 -17.58
C TYR B 110 -25.49 -30.43 -19.04
N ARG B 111 -26.21 -29.79 -19.94
CA ARG B 111 -25.83 -29.73 -21.36
C ARG B 111 -25.32 -28.31 -21.70
N THR B 112 -24.08 -28.23 -22.19
CA THR B 112 -23.43 -26.98 -22.62
C THR B 112 -23.72 -26.75 -24.10
N ARG B 113 -24.25 -25.58 -24.45
CA ARG B 113 -24.66 -25.31 -25.83
C ARG B 113 -23.83 -24.21 -26.45
N THR B 114 -23.87 -23.03 -25.85
CA THR B 114 -23.17 -21.89 -26.35
C THR B 114 -22.00 -21.53 -25.45
N ILE B 115 -20.86 -21.22 -26.05
CA ILE B 115 -19.70 -20.77 -25.30
C ILE B 115 -19.16 -19.51 -25.92
N LEU B 116 -18.89 -18.51 -25.10
CA LEU B 116 -18.21 -17.30 -25.57
C LEU B 116 -16.99 -17.12 -24.70
N ALA B 117 -15.83 -16.95 -25.32
CA ALA B 117 -14.62 -16.80 -24.54
C ALA B 117 -13.73 -15.69 -25.11
N VAL B 118 -13.31 -14.76 -24.24
CA VAL B 118 -12.38 -13.73 -24.65
C VAL B 118 -11.10 -13.71 -23.77
N PRO B 119 -9.99 -13.14 -24.29
CA PRO B 119 -8.77 -13.00 -23.47
C PRO B 119 -8.84 -11.84 -22.47
N LEU B 120 -7.96 -11.91 -21.48
CA LEU B 120 -7.75 -10.84 -20.49
C LEU B 120 -6.34 -10.26 -20.70
N PHE B 121 -6.23 -8.95 -20.81
CA PHE B 121 -4.93 -8.35 -21.04
C PHE B 121 -4.44 -7.61 -19.80
N ASP B 122 -3.14 -7.63 -19.54
CA ASP B 122 -2.62 -6.72 -18.52
C ASP B 122 -2.46 -5.33 -19.12
N ARG B 123 -1.93 -4.39 -18.35
CA ARG B 123 -1.74 -3.04 -18.87
C ARG B 123 -0.88 -3.04 -20.14
N LYS B 124 0.11 -3.94 -20.22
CA LYS B 124 1.04 -4.00 -21.36
C LYS B 124 0.64 -4.95 -22.50
N GLN B 125 -0.65 -5.24 -22.64
CA GLN B 125 -1.19 -6.11 -23.70
C GLN B 125 -0.75 -7.57 -23.73
N ASN B 126 -0.19 -8.09 -22.63
CA ASN B 126 0.00 -9.55 -22.54
C ASN B 126 -1.28 -10.26 -22.10
N ILE B 127 -1.53 -11.40 -22.73
CA ILE B 127 -2.66 -12.22 -22.38
C ILE B 127 -2.33 -12.88 -21.08
N ILE B 128 -3.10 -12.55 -20.05
CA ILE B 128 -2.93 -13.07 -18.70
C ILE B 128 -4.01 -14.08 -18.30
N GLY B 129 -4.97 -14.33 -19.17
CA GLY B 129 -6.02 -15.31 -18.89
C GLY B 129 -7.24 -15.16 -19.78
N VAL B 130 -8.26 -15.95 -19.49
CA VAL B 130 -9.48 -15.97 -20.28
C VAL B 130 -10.74 -15.74 -19.44
N PHE B 131 -11.68 -15.00 -20.00
CA PHE B 131 -13.01 -14.84 -19.43
C PHE B 131 -14.01 -15.58 -20.29
N GLN B 132 -14.78 -16.48 -19.69
CA GLN B 132 -15.71 -17.33 -20.47
C GLN B 132 -17.15 -17.32 -19.92
N VAL B 133 -18.14 -17.15 -20.81
CA VAL B 133 -19.54 -17.37 -20.44
C VAL B 133 -20.17 -18.50 -21.20
N ILE B 134 -21.16 -19.12 -20.55
CA ILE B 134 -21.77 -20.33 -21.07
C ILE B 134 -23.29 -20.31 -20.96
N ASN B 135 -23.92 -20.81 -22.03
CA ASN B 135 -25.36 -20.93 -22.19
C ASN B 135 -26.11 -19.63 -22.06
N LYS B 136 -26.11 -18.84 -23.15
CA LYS B 136 -26.91 -17.60 -23.25
C LYS B 136 -28.37 -17.99 -23.01
N LEU B 137 -29.06 -17.22 -22.16
CA LEU B 137 -30.40 -17.62 -21.71
C LEU B 137 -31.53 -16.96 -22.51
N THR B 138 -31.33 -15.73 -22.94
CA THR B 138 -32.38 -14.98 -23.59
C THR B 138 -32.20 -14.95 -25.11
N ASN B 139 -31.54 -15.96 -25.65
CA ASN B 139 -31.31 -16.08 -27.08
C ASN B 139 -30.64 -17.42 -27.34
N SER B 140 -30.45 -17.75 -28.61
CA SER B 140 -29.95 -19.06 -28.96
C SER B 140 -28.44 -18.99 -29.16
N VAL B 141 -27.94 -17.81 -29.54
CA VAL B 141 -26.49 -17.65 -29.61
C VAL B 141 -25.99 -16.35 -28.98
N PHE B 142 -24.68 -16.30 -28.78
CA PHE B 142 -24.03 -15.08 -28.39
C PHE B 142 -23.84 -14.20 -29.63
N THR B 143 -24.16 -12.92 -29.49
CA THR B 143 -24.26 -12.05 -30.66
C THR B 143 -23.00 -11.22 -30.86
N GLU B 144 -22.98 -10.43 -31.92
CA GLU B 144 -21.92 -9.45 -32.10
C GLU B 144 -21.84 -8.52 -30.90
N GLU B 145 -22.98 -8.02 -30.44
CA GLU B 145 -23.03 -7.12 -29.30
C GLU B 145 -22.60 -7.83 -28.03
N ASP B 146 -23.00 -9.08 -27.85
CA ASP B 146 -22.52 -9.84 -26.71
C ASP B 146 -21.00 -9.87 -26.69
N ILE B 147 -20.38 -10.05 -27.83
CA ILE B 147 -18.94 -10.01 -27.85
C ILE B 147 -18.42 -8.65 -27.41
N GLU B 148 -18.92 -7.59 -28.01
CA GLU B 148 -18.49 -6.25 -27.56
C GLU B 148 -18.58 -6.12 -26.05
N LEU B 149 -19.73 -6.53 -25.51
CA LEU B 149 -20.00 -6.35 -24.10
C LEU B 149 -18.97 -7.05 -23.22
N LEU B 150 -18.68 -8.30 -23.57
CA LEU B 150 -17.76 -9.10 -22.82
C LEU B 150 -16.34 -8.54 -22.94
N ARG B 151 -16.02 -7.95 -24.09
CA ARG B 151 -14.70 -7.37 -24.28
C ARG B 151 -14.50 -6.24 -23.26
N HIS B 152 -15.57 -5.49 -23.03
CA HIS B 152 -15.61 -4.44 -22.03
C HIS B 152 -15.58 -4.97 -20.63
N ILE B 153 -16.27 -6.07 -20.40
CA ILE B 153 -16.18 -6.71 -19.11
C ILE B 153 -14.75 -7.23 -18.88
N SER B 154 -14.14 -7.83 -19.91
CA SER B 154 -12.80 -8.35 -19.74
C SER B 154 -11.84 -7.25 -19.33
N LEU B 155 -12.09 -6.06 -19.86
CA LEU B 155 -11.30 -4.90 -19.49
C LEU B 155 -11.40 -4.52 -18.03
N TYR B 156 -12.58 -4.70 -17.45
CA TYR B 156 -12.77 -4.32 -16.08
C TYR B 156 -12.20 -5.43 -15.22
N ALA B 157 -12.43 -6.66 -15.65
CA ALA B 157 -11.94 -7.81 -14.91
C ALA B 157 -10.44 -7.67 -14.74
N SER B 158 -9.74 -7.45 -15.83
CA SER B 158 -8.31 -7.17 -15.82
C SER B 158 -7.89 -6.08 -14.85
N SER B 159 -8.53 -4.93 -14.93
CA SER B 159 -8.10 -3.82 -14.09
C SER B 159 -8.19 -4.16 -12.61
N THR B 160 -9.33 -4.72 -12.20
CA THR B 160 -9.63 -4.94 -10.79
C THR B 160 -8.81 -6.12 -10.35
N ILE B 161 -8.67 -7.14 -11.21
CA ILE B 161 -7.73 -8.19 -10.85
C ILE B 161 -6.35 -7.68 -10.57
N GLU B 162 -5.75 -6.91 -11.48
CA GLU B 162 -4.38 -6.42 -11.26
C GLU B 162 -4.28 -5.55 -10.04
N ASN B 163 -5.23 -4.62 -9.87
CA ASN B 163 -5.25 -3.75 -8.72
C ASN B 163 -5.38 -4.50 -7.40
N ALA B 164 -6.09 -5.62 -7.41
CA ALA B 164 -6.14 -6.43 -6.20
C ALA B 164 -4.78 -7.08 -5.92
N ILE B 165 -4.14 -7.65 -6.95
CA ILE B 165 -2.80 -8.16 -6.80
C ILE B 165 -1.79 -7.10 -6.36
N LEU B 166 -1.86 -5.89 -6.91
CA LEU B 166 -0.87 -4.86 -6.60
C LEU B 166 -1.01 -4.32 -5.21
N TYR B 167 -2.22 -4.31 -4.69
CA TYR B 167 -2.41 -3.87 -3.33
C TYR B 167 -1.87 -4.90 -2.35
N GLU B 168 -2.03 -6.18 -2.69
CA GLU B 168 -1.43 -7.25 -1.91
C GLU B 168 0.07 -7.16 -1.93
N LYS B 169 0.70 -6.93 -3.08
CA LYS B 169 2.14 -6.85 -3.11
C LYS B 169 2.62 -5.72 -2.23
N LEU B 170 1.99 -4.58 -2.34
CA LEU B 170 2.42 -3.46 -1.53
C LEU B 170 2.19 -3.72 -0.04
N LYS B 171 1.08 -4.37 0.31
CA LYS B 171 0.77 -4.69 1.71
C LYS B 171 1.85 -5.64 2.27
N LYS B 172 2.29 -6.58 1.44
CA LYS B 172 3.27 -7.59 1.82
C LYS B 172 4.65 -6.95 1.98
N ALA B 173 5.08 -6.17 0.99
CA ALA B 173 6.29 -5.36 1.10
C ALA B 173 6.33 -4.49 2.36
N HIS B 174 5.27 -3.74 2.62
CA HIS B 174 5.19 -2.88 3.80
C HIS B 174 5.44 -3.68 5.06
N GLU B 175 4.92 -4.90 5.13
CA GLU B 175 5.19 -5.74 6.29
C GLU B 175 6.66 -6.16 6.33
N ASP B 176 7.15 -6.76 5.25
CA ASP B 176 8.55 -7.20 5.18
C ASP B 176 9.51 -6.10 5.60
N VAL B 177 9.32 -4.90 5.09
CA VAL B 177 10.10 -3.75 5.51
C VAL B 177 10.01 -3.46 7.02
N ILE B 178 8.84 -3.46 7.62
CA ILE B 178 8.82 -3.24 9.07
C ILE B 178 9.53 -4.37 9.86
N TYR B 179 9.29 -5.60 9.45
CA TYR B 179 9.94 -6.74 10.07
C TYR B 179 11.47 -6.71 9.93
N ARG B 180 11.97 -6.52 8.73
CA ARG B 180 13.39 -6.65 8.54
C ARG B 180 14.14 -5.47 9.11
N LEU B 181 13.62 -4.27 8.94
CA LEU B 181 14.31 -3.11 9.48
C LEU B 181 14.20 -3.03 10.97
N SER B 182 13.11 -3.56 11.53
CA SER B 182 12.92 -3.56 12.97
C SER B 182 13.97 -4.43 13.66
N HIS B 183 14.58 -5.30 12.86
CA HIS B 183 15.52 -6.29 13.29
C HIS B 183 16.90 -5.88 12.95
N ALA B 184 17.11 -4.59 12.72
CA ALA B 184 18.45 -4.11 12.40
C ALA B 184 19.38 -4.27 13.61
N THR B 185 18.85 -4.04 14.82
CA THR B 185 19.56 -4.30 16.07
C THR B 185 20.19 -5.71 16.23
N LYS B 186 19.87 -6.64 15.34
CA LYS B 186 20.23 -8.06 15.44
C LYS B 186 21.70 -8.46 15.59
N PHE B 187 22.63 -7.59 15.25
CA PHE B 187 24.06 -7.94 15.37
C PHE B 187 24.60 -7.78 16.77
N LYS B 188 23.78 -7.14 17.60
CA LYS B 188 24.16 -6.67 18.91
C LYS B 188 23.03 -6.94 19.91
N ASP B 189 22.14 -7.87 19.54
CA ASP B 189 21.01 -8.27 20.39
C ASP B 189 20.57 -9.67 19.98
N PRO B 190 20.44 -10.58 20.95
CA PRO B 190 19.99 -11.95 20.65
C PRO B 190 18.57 -12.12 20.02
N GLU B 191 17.62 -11.22 20.33
CA GLU B 191 16.22 -11.25 19.81
C GLU B 191 16.09 -11.78 18.40
N THR B 192 15.32 -12.83 18.18
CA THR B 192 15.18 -13.37 16.81
C THR B 192 14.22 -12.56 15.95
N GLN B 193 14.24 -12.83 14.64
CA GLN B 193 13.30 -12.20 13.72
C GLN B 193 11.86 -12.43 14.24
N ASN B 194 11.57 -13.68 14.57
CA ASN B 194 10.24 -14.02 14.97
C ASN B 194 9.74 -13.35 16.25
N HIS B 195 10.62 -13.02 17.20
CA HIS B 195 10.14 -12.20 18.33
C HIS B 195 9.45 -10.94 17.82
N ILE B 196 10.12 -10.20 16.92
CA ILE B 196 9.62 -8.94 16.36
C ILE B 196 8.25 -9.13 15.73
N ILE B 197 8.13 -10.16 14.89
CA ILE B 197 6.85 -10.48 14.26
C ILE B 197 5.78 -10.84 15.30
N ARG B 198 6.13 -11.80 16.17
CA ARG B 198 5.11 -12.36 17.05
C ARG B 198 4.53 -11.32 17.96
N VAL B 199 5.31 -10.34 18.38
CA VAL B 199 4.74 -9.37 19.31
C VAL B 199 3.56 -8.65 18.68
N GLY B 200 3.67 -8.37 17.39
CA GLY B 200 2.55 -7.81 16.63
C GLY B 200 1.34 -8.72 16.52
N LEU B 201 1.59 -10.00 16.22
CA LEU B 201 0.54 -10.97 16.12
C LEU B 201 -0.31 -11.10 17.37
N TYR B 202 0.32 -11.05 18.55
CA TYR B 202 -0.45 -11.11 19.80
C TYR B 202 -1.28 -9.86 19.95
N ALA B 203 -0.65 -8.72 19.75
CA ALA B 203 -1.32 -7.47 19.96
C ALA B 203 -2.49 -7.31 18.97
N GLU B 204 -2.33 -7.90 17.78
CA GLU B 204 -3.44 -7.95 16.83
C GLU B 204 -4.71 -8.60 17.45
N ILE B 205 -4.55 -9.83 17.95
CA ILE B 205 -5.64 -10.58 18.61
C ILE B 205 -6.30 -9.71 19.68
N LEU B 206 -5.48 -9.05 20.49
CA LEU B 206 -5.94 -8.22 21.61
C LEU B 206 -6.81 -7.07 21.16
N ALA B 207 -6.30 -6.30 20.18
CA ALA B 207 -6.99 -5.13 19.64
C ALA B 207 -8.27 -5.60 18.99
N ARG B 208 -8.16 -6.65 18.21
CA ARG B 208 -9.34 -7.26 17.59
C ARG B 208 -10.40 -7.57 18.63
N GLU B 209 -10.03 -8.16 19.76
CA GLU B 209 -11.05 -8.64 20.70
C GLU B 209 -11.48 -7.58 21.69
N ALA B 210 -10.73 -6.49 21.78
CA ALA B 210 -11.10 -5.36 22.62
C ALA B 210 -12.04 -4.50 21.79
N GLY B 211 -12.20 -4.88 20.50
CA GLY B 211 -13.21 -4.31 19.62
C GLY B 211 -12.85 -3.01 18.94
N LEU B 212 -11.57 -2.87 18.62
CA LEU B 212 -11.06 -1.71 17.97
C LEU B 212 -11.41 -1.77 16.51
N ASP B 213 -11.43 -0.59 15.88
CA ASP B 213 -11.70 -0.49 14.48
C ASP B 213 -10.74 -1.36 13.66
N GLU B 214 -11.20 -1.87 12.53
CA GLU B 214 -10.42 -2.84 11.79
C GLU B 214 -9.08 -2.28 11.40
N GLU B 215 -9.03 -0.96 11.25
CA GLU B 215 -7.80 -0.31 10.83
C GLU B 215 -6.78 -0.21 11.91
N ASP B 216 -7.20 0.10 13.13
CA ASP B 216 -6.31 0.05 14.26
C ASP B 216 -5.83 -1.36 14.55
N VAL B 217 -6.61 -2.37 14.21
CA VAL B 217 -6.12 -3.72 14.38
C VAL B 217 -4.91 -3.94 13.49
N GLU B 218 -5.05 -3.68 12.19
CA GLU B 218 -3.88 -3.72 11.32
C GLU B 218 -2.73 -2.79 11.79
N LEU B 219 -3.04 -1.63 12.37
CA LEU B 219 -1.99 -0.76 12.87
C LEU B 219 -1.17 -1.39 13.99
N VAL B 220 -1.79 -1.75 15.12
CA VAL B 220 -0.97 -2.40 16.13
C VAL B 220 -0.22 -3.55 15.53
N LYS B 221 -0.87 -4.33 14.65
CA LYS B 221 -0.16 -5.53 14.17
C LYS B 221 1.21 -5.15 13.64
N LEU B 222 1.29 -3.96 13.02
CA LEU B 222 2.51 -3.44 12.40
C LEU B 222 3.28 -2.39 13.23
N ALA B 223 2.59 -1.62 14.06
CA ALA B 223 3.27 -0.70 14.95
C ALA B 223 4.01 -1.46 16.05
N ALA B 224 3.36 -2.44 16.69
CA ALA B 224 3.97 -3.05 17.87
C ALA B 224 5.38 -3.58 17.63
N PRO B 225 5.63 -4.20 16.45
CA PRO B 225 6.96 -4.83 16.20
C PRO B 225 8.13 -3.86 16.27
N MET B 226 7.87 -2.56 16.22
CA MET B 226 8.97 -1.61 16.18
C MET B 226 9.33 -1.17 17.57
N HIS B 227 8.74 -1.78 18.58
CA HIS B 227 8.81 -1.23 19.95
C HIS B 227 10.21 -1.05 20.47
N ASP B 228 11.14 -1.93 20.08
CA ASP B 228 12.51 -1.86 20.63
C ASP B 228 13.52 -1.18 19.70
N ILE B 229 13.06 -0.34 18.78
CA ILE B 229 13.96 0.27 17.79
C ILE B 229 15.04 1.15 18.43
N GLY B 230 14.64 1.94 19.42
CA GLY B 230 15.59 2.69 20.25
C GLY B 230 16.91 2.02 20.67
N LYS B 231 16.90 0.69 20.78
CA LYS B 231 18.11 -0.05 21.07
C LYS B 231 19.29 0.30 20.17
N VAL B 232 19.05 0.72 18.93
CA VAL B 232 20.18 1.23 18.09
C VAL B 232 20.98 2.36 18.74
N GLY B 233 20.33 3.13 19.62
CA GLY B 233 20.96 4.25 20.33
C GLY B 233 21.69 3.97 21.64
N ILE B 234 21.67 2.70 22.07
CA ILE B 234 22.34 2.24 23.27
C ILE B 234 23.80 1.86 23.00
N PRO B 235 24.74 2.37 23.83
CA PRO B 235 26.15 2.03 23.77
C PRO B 235 26.40 0.52 23.78
N ASP B 236 27.38 0.05 23.01
CA ASP B 236 27.73 -1.37 23.03
C ASP B 236 28.05 -1.92 24.43
N ARG B 237 29.00 -1.27 25.12
CA ARG B 237 29.37 -1.70 26.47
C ARG B 237 28.13 -2.09 27.32
N VAL B 238 27.00 -1.39 27.14
CA VAL B 238 25.73 -1.66 27.82
C VAL B 238 24.84 -2.68 27.13
N LEU B 239 24.68 -2.61 25.82
CA LEU B 239 23.80 -3.54 25.13
C LEU B 239 24.35 -4.97 24.99
N LEU B 240 25.66 -5.09 25.05
CA LEU B 240 26.27 -6.37 24.78
C LEU B 240 26.62 -7.08 26.09
N LYS B 241 26.61 -6.36 27.21
CA LYS B 241 27.12 -6.93 28.47
C LYS B 241 26.20 -8.02 28.98
N PRO B 242 26.74 -9.27 29.15
CA PRO B 242 25.84 -10.36 29.56
C PRO B 242 25.65 -10.33 31.09
N GLY B 243 24.49 -10.78 31.56
CA GLY B 243 24.20 -10.77 32.98
C GLY B 243 23.76 -9.42 33.50
N LYS B 244 24.07 -9.16 34.76
CA LYS B 244 23.48 -8.05 35.48
C LYS B 244 24.06 -6.70 35.09
N LEU B 245 23.27 -5.65 35.25
CA LEU B 245 23.69 -4.32 34.93
C LEU B 245 23.76 -3.50 36.19
N ASN B 246 24.79 -2.68 36.34
CA ASN B 246 24.80 -1.69 37.41
C ASN B 246 23.71 -0.63 37.21
N ASP B 247 23.63 0.35 38.11
CA ASP B 247 22.58 1.36 38.09
C ASP B 247 22.97 2.68 37.41
N GLU B 248 24.01 2.61 36.59
CA GLU B 248 24.39 3.68 35.70
C GLU B 248 24.03 3.15 34.31
N GLU B 249 24.24 1.84 34.15
CA GLU B 249 24.04 1.09 32.91
C GLU B 249 22.56 0.83 32.60
N TRP B 250 21.82 0.36 33.61
CA TRP B 250 20.37 0.23 33.53
C TRP B 250 19.66 1.55 33.18
N GLU B 251 20.07 2.65 33.78
CA GLU B 251 19.50 3.96 33.51
C GLU B 251 19.66 4.33 32.02
N ILE B 252 20.77 3.93 31.43
CA ILE B 252 20.96 4.05 29.99
C ILE B 252 20.08 3.05 29.24
N MET B 253 20.07 1.80 29.65
CA MET B 253 19.29 0.78 28.94
C MET B 253 17.81 1.10 28.87
N LYS B 254 17.25 1.65 29.95
CA LYS B 254 15.88 2.17 29.96
C LYS B 254 15.65 3.25 28.91
N LYS B 255 16.69 3.97 28.53
CA LYS B 255 16.47 5.08 27.65
C LYS B 255 16.03 4.71 26.24
N HIS B 256 16.11 3.42 25.88
CA HIS B 256 15.65 2.92 24.56
C HIS B 256 14.20 3.23 24.28
N THR B 257 13.43 3.46 25.33
CA THR B 257 12.07 3.92 25.16
C THR B 257 12.02 5.33 24.60
N ILE B 258 12.83 6.23 25.14
CA ILE B 258 12.91 7.61 24.63
C ILE B 258 13.54 7.65 23.25
N TYR B 259 14.60 6.88 23.01
CA TYR B 259 15.22 6.83 21.70
C TYR B 259 14.22 6.41 20.64
N GLY B 260 13.49 5.33 20.90
CA GLY B 260 12.43 4.88 20.01
C GLY B 260 11.49 6.01 19.64
N TYR B 261 11.00 6.76 20.64
CA TYR B 261 10.13 7.89 20.37
C TYR B 261 10.85 8.81 19.39
N GLU B 262 12.11 9.16 19.67
CA GLU B 262 12.86 10.08 18.83
C GLU B 262 12.88 9.58 17.42
N ILE B 263 13.25 8.31 17.22
CA ILE B 263 13.36 7.79 15.87
C ILE B 263 12.07 7.90 15.08
N LEU B 264 10.95 7.69 15.77
CA LEU B 264 9.64 7.49 15.12
C LEU B 264 8.67 8.70 15.09
N LYS B 265 8.79 9.66 16.00
CA LYS B 265 7.74 10.70 16.17
C LYS B 265 7.63 11.66 15.00
N GLY B 266 8.62 11.61 14.11
CA GLY B 266 8.72 12.57 13.02
C GLY B 266 7.74 12.42 11.87
N GLY B 267 7.24 11.20 11.65
CA GLY B 267 6.29 10.94 10.59
C GLY B 267 4.97 11.67 10.75
N ASP B 268 4.11 11.52 9.75
CA ASP B 268 2.78 12.10 9.76
C ASP B 268 1.71 11.04 9.66
N SER B 269 2.11 9.85 9.27
CA SER B 269 1.18 8.75 9.18
C SER B 269 0.71 8.29 10.57
N ARG B 270 -0.47 7.67 10.60
CA ARG B 270 -0.99 7.18 11.86
C ARG B 270 -0.14 6.02 12.35
N LEU B 271 0.32 5.14 11.44
CA LEU B 271 1.22 4.06 11.80
C LEU B 271 2.33 4.55 12.73
N LEU B 272 3.01 5.62 12.32
CA LEU B 272 4.17 6.10 13.06
C LEU B 272 3.82 6.88 14.29
N GLN B 273 2.66 7.55 14.34
CA GLN B 273 2.27 8.09 15.63
C GLN B 273 2.04 6.94 16.64
N ILE B 274 1.29 5.91 16.25
CA ILE B 274 1.11 4.73 17.09
C ILE B 274 2.48 4.08 17.44
N ALA B 275 3.35 3.83 16.44
CA ALA B 275 4.60 3.12 16.71
C ALA B 275 5.44 3.90 17.70
N ALA B 276 5.36 5.23 17.60
CA ALA B 276 6.18 6.08 18.47
C ALA B 276 5.65 5.97 19.88
N ASP B 277 4.34 5.94 20.01
CA ASP B 277 3.76 5.84 21.35
C ASP B 277 4.10 4.52 22.01
N ILE B 278 3.94 3.45 21.27
CA ILE B 278 4.30 2.12 21.74
C ILE B 278 5.77 2.08 22.23
N ALA B 279 6.70 2.56 21.39
CA ALA B 279 8.12 2.56 21.73
C ALA B 279 8.38 3.23 23.07
N ILE B 280 7.75 4.38 23.31
CA ILE B 280 8.01 5.10 24.54
C ILE B 280 7.22 4.55 25.72
N GLU B 281 6.22 3.70 25.46
CA GLU B 281 5.24 3.33 26.50
C GLU B 281 5.28 1.90 27.01
N HIS B 282 5.74 0.96 26.19
CA HIS B 282 5.61 -0.45 26.47
C HIS B 282 6.35 -0.98 27.69
N HIS B 283 7.09 -0.13 28.39
CA HIS B 283 7.64 -0.49 29.72
C HIS B 283 7.00 0.25 30.82
N GLU B 284 6.06 1.13 30.50
CA GLU B 284 5.18 1.67 31.53
C GLU B 284 4.31 0.51 32.08
N ARG B 285 3.62 0.76 33.20
CA ARG B 285 2.88 -0.25 33.95
C ARG B 285 1.58 0.37 34.45
N TRP B 286 0.53 -0.42 34.50
CA TRP B 286 -0.76 0.05 34.93
C TRP B 286 -0.73 0.67 36.35
N ASP B 287 0.13 0.15 37.22
CA ASP B 287 0.28 0.72 38.55
C ASP B 287 0.78 2.16 38.50
N GLY B 288 1.71 2.44 37.58
CA GLY B 288 2.33 3.73 37.52
C GLY B 288 3.77 3.63 38.01
N THR B 289 4.22 2.40 38.25
CA THR B 289 5.59 2.21 38.73
C THR B 289 6.58 2.13 37.59
N GLY B 290 6.24 1.48 36.47
CA GLY B 290 7.17 1.28 35.36
C GLY B 290 7.70 2.49 34.56
N TYR B 291 8.92 2.36 34.02
CA TYR B 291 9.64 3.44 33.33
C TYR B 291 9.16 3.79 31.89
N PRO B 292 9.57 4.95 31.34
CA PRO B 292 10.45 5.99 31.90
C PRO B 292 9.78 7.01 32.79
N PHE B 293 8.46 7.18 32.69
CA PHE B 293 7.82 8.29 33.36
C PHE B 293 6.88 7.91 34.50
N GLY B 294 6.67 6.62 34.72
CA GLY B 294 5.67 6.19 35.69
C GLY B 294 4.24 6.61 35.37
N LYS B 295 3.84 6.42 34.12
CA LYS B 295 2.49 6.77 33.72
C LYS B 295 1.51 5.75 34.32
N LYS B 296 0.29 6.18 34.60
CA LYS B 296 -0.66 5.40 35.40
C LYS B 296 -1.95 5.12 34.60
N GLY B 297 -2.39 3.87 34.59
CA GLY B 297 -3.66 3.50 33.93
C GLY B 297 -3.89 4.14 32.57
N GLU B 298 -5.01 4.85 32.46
CA GLU B 298 -5.42 5.46 31.19
C GLU B 298 -4.44 6.49 30.64
N GLU B 299 -3.45 6.94 31.43
CA GLU B 299 -2.41 7.81 30.87
C GLU B 299 -1.53 7.10 29.85
N ILE B 300 -1.40 5.78 29.96
CA ILE B 300 -0.80 5.00 28.87
C ILE B 300 -1.81 4.84 27.71
N SER B 301 -1.38 5.05 26.46
CA SER B 301 -2.26 4.77 25.32
C SER B 301 -2.56 3.28 25.34
N ILE B 302 -3.73 2.93 24.78
CA ILE B 302 -4.14 1.54 24.70
C ILE B 302 -3.16 0.72 23.84
N TYR B 303 -2.43 1.37 22.97
CA TYR B 303 -1.56 0.62 22.12
C TYR B 303 -0.33 0.23 22.93
N GLY B 304 0.02 1.04 23.94
CA GLY B 304 1.18 0.69 24.77
C GLY B 304 0.80 -0.46 25.68
N ARG B 305 -0.39 -0.34 26.23
CA ARG B 305 -0.98 -1.31 27.08
C ARG B 305 -1.07 -2.69 26.43
N MET B 306 -1.46 -2.74 25.17
CA MET B 306 -1.51 -4.02 24.47
C MET B 306 -0.12 -4.61 24.25
N THR B 307 0.83 -3.72 23.97
CA THR B 307 2.21 -4.11 23.77
C THR B 307 2.94 -4.58 25.04
N SER B 308 2.76 -3.95 26.22
CA SER B 308 3.29 -4.57 27.49
C SER B 308 2.96 -6.02 27.46
N ILE B 309 1.65 -6.30 27.37
CA ILE B 309 1.14 -7.65 27.57
C ILE B 309 1.85 -8.56 26.58
N SER B 310 1.89 -8.15 25.33
CA SER B 310 2.46 -8.98 24.28
C SER B 310 3.95 -9.15 24.46
N ASP B 311 4.63 -8.05 24.75
CA ASP B 311 6.06 -8.13 24.94
C ASP B 311 6.43 -9.12 26.11
N VAL B 312 5.81 -8.92 27.26
CA VAL B 312 6.06 -9.79 28.38
C VAL B 312 5.70 -11.24 28.08
N PHE B 313 4.57 -11.48 27.43
CA PHE B 313 4.19 -12.84 27.09
C PHE B 313 5.26 -13.56 26.25
N ASP B 314 5.78 -12.85 25.27
CA ASP B 314 6.69 -13.47 24.35
C ASP B 314 8.03 -13.78 25.03
N ALA B 315 8.39 -12.95 25.99
CA ALA B 315 9.65 -13.15 26.67
C ALA B 315 9.58 -14.38 27.59
N LEU B 316 8.49 -14.46 28.34
CA LEU B 316 8.33 -15.47 29.35
C LEU B 316 8.26 -16.84 28.70
N THR B 317 7.87 -16.89 27.44
CA THR B 317 7.64 -18.18 26.79
C THR B 317 8.81 -18.54 25.89
N SER B 318 9.90 -17.80 26.01
CA SER B 318 11.15 -18.22 25.38
C SER B 318 12.23 -18.48 26.43
N ASP B 319 13.07 -19.50 26.18
CA ASP B 319 14.29 -19.72 26.98
C ASP B 319 15.13 -18.45 26.98
N ARG B 320 15.51 -17.97 28.16
CA ARG B 320 16.45 -16.85 28.27
C ARG B 320 17.61 -17.30 29.21
N PRO B 321 18.69 -16.50 29.36
CA PRO B 321 19.76 -16.99 30.27
C PRO B 321 19.21 -17.48 31.61
N TYR B 322 19.56 -18.72 31.97
CA TYR B 322 19.17 -19.39 33.25
C TYR B 322 17.68 -19.73 33.47
N LYS B 323 16.79 -19.36 32.55
CA LYS B 323 15.34 -19.62 32.71
C LYS B 323 14.77 -20.33 31.49
N LYS B 324 14.19 -21.50 31.74
CA LYS B 324 13.44 -22.17 30.69
C LYS B 324 12.13 -21.43 30.46
N ALA B 325 11.64 -21.50 29.22
CA ALA B 325 10.38 -20.88 28.87
C ALA B 325 9.25 -21.48 29.70
N TRP B 326 8.37 -20.58 30.15
CA TRP B 326 7.15 -20.88 30.85
C TRP B 326 6.11 -21.67 30.04
N ASP B 327 5.44 -22.66 30.67
CA ASP B 327 4.30 -23.35 30.06
C ASP B 327 3.05 -22.44 30.14
N MET B 328 1.94 -22.90 29.58
CA MET B 328 0.70 -22.15 29.72
C MET B 328 0.27 -21.92 31.18
N ASP B 329 0.32 -22.99 31.96
CA ASP B 329 -0.18 -22.94 33.33
C ASP B 329 0.47 -21.86 34.17
N ARG B 330 1.80 -21.77 34.11
CA ARG B 330 2.54 -20.74 34.85
C ARG B 330 2.24 -19.34 34.30
N THR B 331 2.25 -19.21 32.98
CA THR B 331 2.01 -17.93 32.35
C THR B 331 0.63 -17.42 32.70
N VAL B 332 -0.35 -18.33 32.67
CA VAL B 332 -1.69 -17.99 33.12
C VAL B 332 -1.62 -17.51 34.58
N ARG B 333 -0.95 -18.28 35.44
CA ARG B 333 -0.84 -17.90 36.86
C ARG B 333 -0.21 -16.51 37.01
N PHE B 334 0.89 -16.27 36.28
CA PHE B 334 1.55 -14.98 36.28
C PHE B 334 0.64 -13.80 35.82
N PHE B 335 0.01 -13.90 34.64
CA PHE B 335 -0.90 -12.84 34.26
C PHE B 335 -2.06 -12.66 35.21
N LYS B 336 -2.58 -13.78 35.70
CA LYS B 336 -3.67 -13.71 36.65
C LYS B 336 -3.23 -12.88 37.84
N GLU B 337 -1.98 -13.06 38.26
CA GLU B 337 -1.36 -12.34 39.37
C GLU B 337 -1.13 -10.85 39.05
N GLN B 338 -0.63 -10.57 37.86
CA GLN B 338 -0.27 -9.22 37.48
C GLN B 338 -1.44 -8.37 36.93
N LYS B 339 -2.64 -8.94 36.93
CA LYS B 339 -3.85 -8.26 36.46
C LYS B 339 -4.07 -7.00 37.30
N GLY B 340 -4.14 -5.81 36.70
CA GLY B 340 -4.32 -4.61 37.50
C GLY B 340 -3.03 -4.12 38.11
N LYS B 341 -1.96 -4.89 37.94
CA LYS B 341 -0.65 -4.46 38.42
C LYS B 341 0.30 -3.99 37.30
N HIS B 342 1.06 -4.92 36.73
CA HIS B 342 1.83 -4.63 35.54
C HIS B 342 0.89 -4.20 34.41
N PHE B 343 -0.23 -4.93 34.27
CA PHE B 343 -1.10 -4.84 33.10
C PHE B 343 -2.47 -4.21 33.28
N ASP B 344 -3.05 -3.72 32.18
CA ASP B 344 -4.45 -3.37 32.12
C ASP B 344 -5.28 -4.59 32.53
N PRO B 345 -6.22 -4.41 33.47
CA PRO B 345 -6.99 -5.56 33.93
C PRO B 345 -7.93 -6.10 32.84
N PHE B 346 -8.59 -5.18 32.12
CA PHE B 346 -9.46 -5.51 30.99
C PHE B 346 -8.74 -6.25 29.87
N LEU B 347 -7.59 -5.73 29.47
CA LEU B 347 -6.84 -6.40 28.44
C LEU B 347 -6.31 -7.76 28.90
N THR B 348 -5.95 -7.88 30.17
CA THR B 348 -5.49 -9.14 30.72
C THR B 348 -6.55 -10.22 30.57
N ASP B 349 -7.78 -9.91 30.94
CA ASP B 349 -8.91 -10.85 30.74
C ASP B 349 -9.02 -11.32 29.31
N ILE B 350 -8.87 -10.37 28.38
CA ILE B 350 -9.06 -10.67 26.97
C ILE B 350 -7.96 -11.61 26.53
N PHE B 351 -6.77 -11.30 27.03
CA PHE B 351 -5.60 -12.06 26.75
C PHE B 351 -5.79 -13.48 27.28
N LEU B 352 -6.24 -13.60 28.54
CA LEU B 352 -6.54 -14.94 29.08
C LEU B 352 -7.59 -15.71 28.28
N LYS B 353 -8.73 -15.08 27.94
CA LYS B 353 -9.70 -15.74 27.04
C LYS B 353 -9.01 -16.28 25.79
N ASN B 354 -7.96 -15.64 25.32
CA ASN B 354 -7.41 -15.99 24.03
C ASN B 354 -6.06 -16.70 23.98
N ILE B 355 -5.66 -17.19 25.17
CA ILE B 355 -4.30 -17.68 25.42
C ILE B 355 -3.89 -18.84 24.49
N ASP B 356 -4.85 -19.64 24.04
CA ASP B 356 -4.54 -20.77 23.14
C ASP B 356 -4.02 -20.29 21.81
N GLN B 357 -4.49 -19.13 21.39
CA GLN B 357 -4.10 -18.67 20.12
C GLN B 357 -2.69 -18.12 20.22
N MET B 358 -2.44 -17.41 21.31
CA MET B 358 -1.12 -16.88 21.59
C MET B 358 -0.06 -17.99 21.54
N PHE B 359 -0.37 -19.09 22.19
CA PHE B 359 0.53 -20.17 22.22
C PHE B 359 0.62 -20.81 20.84
N SER B 360 -0.44 -20.78 20.03
CA SER B 360 -0.31 -21.48 18.73
C SER B 360 0.47 -20.65 17.73
N ILE B 361 0.40 -19.33 17.90
CA ILE B 361 1.31 -18.43 17.26
C ILE B 361 2.73 -18.73 17.73
N LYS B 362 2.93 -18.82 19.04
CA LYS B 362 4.27 -19.06 19.53
C LYS B 362 4.84 -20.39 19.00
N ARG B 363 4.00 -21.41 18.83
CA ARG B 363 4.51 -22.74 18.49
C ARG B 363 4.77 -22.80 17.01
N GLU B 364 3.98 -22.06 16.26
CA GLU B 364 4.02 -22.17 14.83
C GLU B 364 5.07 -21.24 14.22
N LEU B 365 5.53 -20.27 15.01
CA LEU B 365 6.62 -19.39 14.63
C LEU B 365 7.81 -19.50 15.61
N ARG B 366 8.57 -20.59 15.45
CA ARG B 366 9.88 -20.89 16.11
C ARG B 366 10.67 -19.73 16.75
FE FE C . 27.90 3.00 2.70
FE FE D . 27.32 6.33 3.51
FE FE E . 25.47 8.00 2.12
C1 SIN F . 32.68 3.96 3.89
O1 SIN F . 32.72 2.75 4.27
O2 SIN F . 33.09 4.34 2.77
C2 SIN F . 32.12 5.00 4.85
C3 SIN F . 30.79 4.54 5.42
C4 SIN F . 29.60 4.84 4.50
O3 SIN F . 29.06 5.95 4.61
O4 SIN F . 29.18 3.98 3.68
C1 SIN G . 28.65 8.49 1.28
O1 SIN G . 28.71 7.25 1.11
O2 SIN G . 28.30 9.00 2.36
C2 SIN G . 29.04 9.39 0.12
C3 SIN G . 29.82 8.61 -0.92
C4 SIN G . 31.17 9.26 -1.16
O3 SIN G . 32.02 8.58 -1.78
O4 SIN G . 31.39 10.42 -0.75
C1 SIN H . 22.32 8.65 9.99
O1 SIN H . 23.45 8.33 9.58
O2 SIN H . 22.11 9.22 11.06
C2 SIN H . 21.15 8.29 9.11
C3 SIN H . 21.72 8.21 7.70
C4 SIN H . 21.92 6.77 7.28
O3 SIN H . 22.06 5.89 8.16
O4 SIN H . 21.97 6.53 6.06
C1 SIN I . 28.31 3.16 -10.99
O1 SIN I . 28.59 3.77 -9.95
O2 SIN I . 27.52 3.62 -11.82
C2 SIN I . 29.03 1.85 -11.19
C3 SIN I . 29.61 1.38 -9.86
C4 SIN I . 28.58 1.18 -8.76
O3 SIN I . 27.49 1.76 -8.85
O4 SIN I . 28.81 0.46 -7.78
C1 SIN J . 24.86 1.20 16.02
O1 SIN J . 24.98 1.86 14.93
O2 SIN J . 25.81 1.02 16.82
C2 SIN J . 23.55 0.59 16.43
C3 SIN J . 23.74 -0.22 17.71
C4 SIN J . 22.82 -1.44 17.86
O3 SIN J . 22.21 -1.54 18.96
O4 SIN J . 22.70 -2.29 16.92
FE FE K . 11.68 -2.67 25.34
P1 C2E L . 12.98 -9.04 27.41
O2P C2E L . 13.90 -10.04 28.10
O1P C2E L . 12.23 -9.49 26.18
O5' C2E L . 11.86 -8.48 28.44
C5' C2E L . 10.95 -7.39 28.21
C4' C2E L . 9.99 -7.39 29.42
O4' C2E L . 9.62 -8.75 29.68
C3' C2E L . 10.67 -6.99 30.72
O3' C2E L . 10.92 -5.60 30.96
C2' C2E L . 9.98 -7.77 31.82
O2' C2E L . 8.80 -7.20 32.39
C1' C2E L . 9.53 -9.00 31.09
N9 C2E L . 10.24 -10.22 31.59
C8 C2E L . 11.16 -10.97 30.93
N7 C2E L . 11.56 -12.03 31.69
C5 C2E L . 10.89 -11.96 32.86
C6 C2E L . 10.83 -12.75 34.14
O6 C2E L . 11.56 -13.78 34.25
N1 C2E L . 10.00 -12.34 35.11
C2 C2E L . 9.22 -11.23 35.00
N2 C2E L . 8.40 -10.87 36.03
N3 C2E L . 9.22 -10.45 33.86
C4 C2E L . 10.01 -10.77 32.79
P11 C2E L . 12.41 -5.11 31.41
O21 C2E L . 12.73 -5.88 32.68
O11 C2E L . 12.47 -3.60 31.43
O5A C2E L . 13.41 -5.68 30.25
C5A C2E L . 13.62 -4.96 29.04
C4A C2E L . 14.75 -5.60 28.24
O4A C2E L . 16.00 -5.27 28.84
C3A C2E L . 14.68 -7.13 28.19
O3A C2E L . 13.87 -7.69 27.14
C2A C2E L . 16.12 -7.57 28.11
O2A C2E L . 16.55 -7.71 26.76
C1A C2E L . 16.85 -6.42 28.79
N91 C2E L . 17.24 -6.85 30.17
C81 C2E L . 16.50 -6.88 31.30
N71 C2E L . 17.23 -7.35 32.35
C51 C2E L . 18.48 -7.65 31.91
C61 C2E L . 19.76 -8.17 32.47
O61 C2E L . 19.91 -8.48 33.68
N11 C2E L . 20.80 -8.30 31.61
C21 C2E L . 20.74 -7.98 30.28
N21 C2E L . 21.83 -8.14 29.47
N31 C2E L . 19.60 -7.49 29.70
C41 C2E L . 18.47 -7.31 30.46
#